data_8CAR
#
_entry.id   8CAR
#
_cell.length_a   135.651
_cell.length_b   135.651
_cell.length_c   335.436
_cell.angle_alpha   90.000
_cell.angle_beta   90.000
_cell.angle_gamma   120.000
#
_symmetry.space_group_name_H-M   'P 65 2 2'
#
loop_
_entity.id
_entity.type
_entity.pdbx_description
1 polymer 'Serine/threonine protein kinase'
2 non-polymer 'PHOSPHATE ION'
3 non-polymer 'NITRATE ION'
4 water water
#
_entity_poly.entity_id   1
_entity_poly.type   'polypeptide(L)'
_entity_poly.pdbx_seq_one_letter_code
;(MSE)SHAPATPTEQELRAELTGPVTGAGRQIHARGVWLAVDDPAFHLPRQGWKIHLSARPATLQETIRR(MSE)LPAVL
AVPCHFKVVRSGRHLQDLNSANNHPGSIGKAVTIYPSPEDVAPLARRLAEDLAG(MSE)AGPRICSDRRVRPDAPVYYRY
GPFHPCYDINDDGDLELVVTDPQGNTHPGAADDSFWQPHWSPDPLTGATPHPAPSDGPAAPVLLGGRYRVVRGLTRNGKG
CVYRAIDTTDNRPVIIKEARAHVNEDTLGRDSRLRLRNERYVLHLLRDLDDVPKVIDHFRHEDREYLAITDLGALALGQD
VAENGLYVADPAPPGRSLRALATALLELLDHVHRRGVLVRDLTPTNVVLDDATGRPRLVDFEISHAEDPQLYGWTPGYSP
PEQERDEPATVEADYYSLGATLFYAATGLPPTW(MSE)TGDPGNHDPRRAAEVLAGRGG(MSE)SGTILGLLDPDPARRR
AAADDIRAGRFTDAPPPPPPSARQRARRLAAAIAHSLTELSRHAADL(MSE)SGKDFTGGLVGSPINLYRGAAG(MSE)G
(MSE)ELLRHDEPSRALARGLAYWTGGFRALRNGRPGLYTGDTGIAVFIAEAGATLGDETLLKIAEPLARPVLSRITATD
QHTGLAGIGTGQLLLWRLTKDAGRLELADACARRLLARDLTAELQENPPDYADCGAVSRTLGFAHGLAGIVHFLRDHHAA
TGETATEAALHKGCDTLLEHLPPLLEAARAVSAKP(MSE)HASFCQGLAGIGAALARTGRDLGADDHLQAAREAAAACLE
LAPR(MSE)YALTQCCGLAGIGELFLDLCQITGDRTYAQWADRIADLILARAGGSPEAPVFPDTSLHGSSGGWSIGTSGV
VSFLRRLGDPAAPRLWLDPPAGTAR
;
_entity_poly.pdbx_strand_id   A
#
# COMPACT_ATOMS: atom_id res chain seq x y z
N SER A 2 -27.31 29.33 0.04
CA SER A 2 -26.08 28.68 -0.43
C SER A 2 -26.46 27.80 -1.60
N HIS A 3 -25.72 27.91 -2.71
CA HIS A 3 -26.14 27.38 -3.99
C HIS A 3 -25.29 26.19 -4.41
N ALA A 4 -25.60 25.66 -5.60
CA ALA A 4 -24.98 24.42 -6.11
C ALA A 4 -24.59 24.59 -7.57
N PRO A 5 -23.30 24.49 -7.91
CA PRO A 5 -22.90 24.71 -9.31
C PRO A 5 -23.41 23.61 -10.23
N ALA A 6 -23.46 23.94 -11.51
CA ALA A 6 -23.99 23.02 -12.50
C ALA A 6 -23.09 21.80 -12.62
N THR A 7 -23.69 20.61 -12.51
CA THR A 7 -22.98 19.36 -12.73
C THR A 7 -23.54 18.72 -14.00
N PRO A 8 -22.81 18.76 -15.12
CA PRO A 8 -23.39 18.25 -16.37
C PRO A 8 -23.60 16.75 -16.34
N THR A 9 -24.66 16.32 -17.03
CA THR A 9 -24.89 14.90 -17.26
C THR A 9 -24.10 14.45 -18.49
N GLU A 10 -23.90 13.14 -18.58
CA GLU A 10 -23.33 12.58 -19.80
C GLU A 10 -24.15 12.97 -21.02
N GLN A 11 -25.47 13.08 -20.85
CA GLN A 11 -26.33 13.42 -21.98
C GLN A 11 -26.08 14.84 -22.46
N GLU A 12 -25.93 15.80 -21.54
CA GLU A 12 -25.73 17.19 -21.93
C GLU A 12 -24.39 17.36 -22.67
N LEU A 13 -23.33 16.71 -22.17
CA LEU A 13 -22.04 16.78 -22.85
C LEU A 13 -22.12 16.12 -24.23
N ARG A 14 -22.73 14.93 -24.28
CA ARG A 14 -22.96 14.30 -25.57
C ARG A 14 -23.67 15.24 -26.52
N ALA A 15 -24.63 16.01 -26.00
CA ALA A 15 -25.37 16.94 -26.85
C ALA A 15 -24.46 18.06 -27.34
N GLU A 16 -23.67 18.63 -26.43
CA GLU A 16 -22.74 19.69 -26.83
C GLU A 16 -21.73 19.19 -27.85
N LEU A 17 -21.48 17.89 -27.90
CA LEU A 17 -20.48 17.32 -28.80
C LEU A 17 -21.06 16.83 -30.13
N THR A 18 -22.31 16.36 -30.14
CA THR A 18 -22.78 15.54 -31.26
C THR A 18 -22.84 16.31 -32.57
N GLY A 19 -23.33 17.54 -32.54
CA GLY A 19 -23.47 18.32 -33.75
C GLY A 19 -22.15 18.48 -34.48
N PRO A 20 -21.24 19.27 -33.89
CA PRO A 20 -19.97 19.54 -34.57
C PRO A 20 -19.18 18.28 -34.89
N VAL A 21 -19.23 17.26 -34.03
CA VAL A 21 -18.44 16.06 -34.26
C VAL A 21 -18.94 15.35 -35.52
N THR A 22 -20.25 15.20 -35.65
CA THR A 22 -20.79 14.64 -36.90
C THR A 22 -20.43 15.52 -38.08
N GLY A 23 -20.32 16.83 -37.86
CA GLY A 23 -19.93 17.73 -38.95
C GLY A 23 -18.61 17.34 -39.58
N ALA A 24 -17.57 17.16 -38.77
CA ALA A 24 -16.23 16.85 -39.27
C ALA A 24 -16.02 15.37 -39.52
N GLY A 25 -17.09 14.56 -39.56
CA GLY A 25 -16.97 13.15 -39.83
C GLY A 25 -16.46 12.32 -38.67
N ARG A 26 -16.04 12.94 -37.58
CA ARG A 26 -15.55 12.21 -36.43
C ARG A 26 -16.71 11.65 -35.63
N GLN A 27 -16.41 10.64 -34.80
CA GLN A 27 -17.49 9.94 -34.11
C GLN A 27 -17.14 9.70 -32.64
N ILE A 28 -18.21 9.52 -31.85
CA ILE A 28 -18.13 9.47 -30.39
C ILE A 28 -18.31 8.02 -29.95
N HIS A 29 -17.35 7.52 -29.17
CA HIS A 29 -17.45 6.23 -28.53
C HIS A 29 -17.17 6.40 -27.04
N ALA A 30 -18.02 5.80 -26.21
CA ALA A 30 -17.86 5.90 -24.77
C ALA A 30 -17.02 4.73 -24.29
N ARG A 31 -16.05 5.03 -23.43
CA ARG A 31 -15.15 4.00 -22.90
C ARG A 31 -14.65 4.49 -21.55
N GLY A 32 -14.83 3.67 -20.52
CA GLY A 32 -14.41 4.05 -19.19
C GLY A 32 -15.19 5.27 -18.71
N VAL A 33 -14.46 6.36 -18.47
CA VAL A 33 -15.05 7.62 -18.05
C VAL A 33 -14.64 8.72 -19.02
N TRP A 34 -14.30 8.34 -20.25
CA TRP A 34 -13.78 9.28 -21.25
C TRP A 34 -14.57 9.07 -22.53
N LEU A 35 -15.64 9.84 -22.69
CA LEU A 35 -16.27 9.94 -23.99
C LEU A 35 -15.19 10.34 -24.98
N ALA A 36 -14.78 9.43 -25.86
CA ALA A 36 -13.71 9.70 -26.80
C ALA A 36 -14.30 9.98 -28.17
N VAL A 37 -13.56 10.75 -28.96
CA VAL A 37 -13.92 11.06 -30.34
C VAL A 37 -12.75 10.66 -31.20
N ASP A 38 -13.04 9.80 -32.17
CA ASP A 38 -12.06 9.31 -33.13
C ASP A 38 -12.29 10.00 -34.47
N ASP A 39 -11.19 10.37 -35.12
CA ASP A 39 -11.21 11.05 -36.42
C ASP A 39 -10.55 10.14 -37.45
N PRO A 40 -11.29 9.63 -38.44
CA PRO A 40 -10.63 8.90 -39.53
C PRO A 40 -9.61 9.80 -40.22
N ALA A 41 -8.82 9.18 -41.10
CA ALA A 41 -7.72 9.83 -41.78
C ALA A 41 -6.69 10.44 -40.81
N PHE A 42 -6.78 10.10 -39.53
CA PHE A 42 -5.74 10.42 -38.56
C PHE A 42 -5.34 9.14 -37.84
N HIS A 43 -4.16 8.62 -38.18
CA HIS A 43 -3.62 7.45 -37.50
C HIS A 43 -2.94 7.90 -36.21
N LEU A 44 -3.44 7.44 -35.09
CA LEU A 44 -2.85 7.82 -33.81
C LEU A 44 -1.49 7.16 -33.65
N PRO A 45 -0.39 7.93 -33.52
CA PRO A 45 0.89 7.30 -33.17
C PRO A 45 0.78 6.66 -31.79
N ARG A 46 1.89 6.26 -31.20
CA ARG A 46 1.84 5.60 -29.90
C ARG A 46 2.41 6.44 -28.76
N GLN A 47 3.37 7.31 -29.02
CA GLN A 47 3.85 8.25 -28.02
C GLN A 47 3.85 9.65 -28.63
N GLY A 48 4.14 10.63 -27.81
CA GLY A 48 4.35 11.96 -28.33
C GLY A 48 3.87 13.02 -27.34
N TRP A 49 3.71 14.23 -27.88
CA TRP A 49 3.26 15.37 -27.10
C TRP A 49 1.74 15.45 -27.13
N LYS A 50 1.15 15.73 -25.96
CA LYS A 50 -0.29 15.70 -25.77
C LYS A 50 -0.72 16.94 -25.00
N ILE A 51 -1.97 17.35 -25.24
CA ILE A 51 -2.53 18.55 -24.64
C ILE A 51 -3.60 18.13 -23.63
N HIS A 52 -3.57 18.75 -22.46
CA HIS A 52 -4.56 18.53 -21.41
C HIS A 52 -5.31 19.83 -21.16
N LEU A 53 -6.61 19.72 -20.92
CA LEU A 53 -7.43 20.87 -20.56
C LEU A 53 -8.05 20.62 -19.19
N SER A 54 -7.85 21.57 -18.29
CA SER A 54 -8.38 21.52 -16.94
C SER A 54 -9.73 22.22 -16.89
N ALA A 55 -10.57 21.77 -15.98
CA ALA A 55 -11.94 22.29 -15.89
C ALA A 55 -12.56 21.78 -14.60
N ARG A 56 -13.66 22.41 -14.24
CA ARG A 56 -14.53 21.96 -13.18
C ARG A 56 -15.85 21.51 -13.80
N PRO A 57 -16.61 20.67 -13.09
CA PRO A 57 -17.92 20.26 -13.62
C PRO A 57 -18.71 21.43 -14.16
N ALA A 58 -18.83 22.48 -13.36
CA ALA A 58 -19.55 23.68 -13.78
C ALA A 58 -19.06 24.15 -15.14
N THR A 59 -17.75 24.19 -15.34
CA THR A 59 -17.18 24.77 -16.55
C THR A 59 -17.07 23.77 -17.70
N LEU A 60 -17.29 22.48 -17.45
CA LEU A 60 -16.95 21.46 -18.44
C LEU A 60 -17.67 21.70 -19.76
N GLN A 61 -18.97 22.04 -19.71
CA GLN A 61 -19.72 22.17 -20.95
C GLN A 61 -19.18 23.32 -21.78
N GLU A 62 -18.87 24.45 -21.14
CA GLU A 62 -18.32 25.57 -21.88
C GLU A 62 -16.92 25.26 -22.37
N THR A 63 -16.13 24.50 -21.61
CA THR A 63 -14.82 24.08 -22.06
C THR A 63 -14.95 23.28 -23.36
N ILE A 64 -15.95 22.40 -23.43
CA ILE A 64 -16.19 21.65 -24.65
C ILE A 64 -16.62 22.58 -25.78
N ARG A 65 -17.53 23.50 -25.48
CA ARG A 65 -18.11 24.33 -26.53
C ARG A 65 -17.07 25.20 -27.21
N ARG A 66 -16.13 25.75 -26.44
CA ARG A 66 -15.14 26.67 -26.98
C ARG A 66 -13.91 25.98 -27.56
N LEU A 68 -14.12 22.89 -29.50
CA LEU A 68 -14.44 22.09 -30.67
C LEU A 68 -13.97 22.72 -31.98
N PRO A 69 -14.10 24.03 -32.21
CA PRO A 69 -13.57 24.60 -33.45
C PRO A 69 -12.11 24.24 -33.69
N ALA A 70 -11.26 24.54 -32.71
CA ALA A 70 -9.84 24.28 -32.84
C ALA A 70 -9.56 22.79 -33.04
N VAL A 71 -10.14 21.95 -32.18
CA VAL A 71 -9.80 20.52 -32.22
C VAL A 71 -10.39 19.85 -33.47
N LEU A 72 -11.51 20.36 -33.99
CA LEU A 72 -12.09 19.80 -35.21
C LEU A 72 -11.42 20.32 -36.48
N ALA A 73 -10.75 21.46 -36.42
CA ALA A 73 -10.02 21.95 -37.59
C ALA A 73 -8.92 20.99 -38.00
N VAL A 74 -8.10 20.55 -37.04
CA VAL A 74 -6.91 19.75 -37.30
C VAL A 74 -7.24 18.28 -37.09
N PRO A 75 -6.65 17.36 -37.85
CA PRO A 75 -6.87 15.93 -37.58
C PRO A 75 -6.19 15.52 -36.27
N CYS A 76 -6.98 14.90 -35.39
CA CYS A 76 -6.54 14.51 -34.07
C CYS A 76 -7.60 13.65 -33.42
N HIS A 77 -7.22 12.97 -32.35
CA HIS A 77 -8.12 12.19 -31.51
CA HIS A 77 -8.14 12.21 -31.52
C HIS A 77 -8.26 12.88 -30.16
N PHE A 78 -9.43 12.78 -29.54
CA PHE A 78 -9.46 13.34 -28.18
C PHE A 78 -10.53 12.68 -27.34
N LYS A 79 -10.52 13.02 -26.06
CA LYS A 79 -11.43 12.43 -25.10
C LYS A 79 -11.75 13.44 -24.02
N VAL A 80 -12.96 13.33 -23.49
CA VAL A 80 -13.49 14.24 -22.50
C VAL A 80 -14.12 13.43 -21.38
N VAL A 81 -13.91 13.86 -20.13
CA VAL A 81 -14.40 13.09 -19.01
C VAL A 81 -15.91 12.90 -19.14
N ARG A 82 -16.39 11.78 -18.61
CA ARG A 82 -17.72 11.28 -18.96
C ARG A 82 -18.82 12.27 -18.55
N SER A 83 -18.74 12.80 -17.34
CA SER A 83 -19.78 13.71 -16.85
C SER A 83 -19.20 14.54 -15.72
N GLY A 84 -20.06 15.34 -15.07
CA GLY A 84 -19.59 16.20 -14.00
C GLY A 84 -19.15 15.43 -12.77
N ARG A 85 -19.86 14.34 -12.44
CA ARG A 85 -19.49 13.55 -11.27
C ARG A 85 -18.13 12.88 -11.46
N HIS A 86 -17.91 12.30 -12.64
CA HIS A 86 -16.61 11.72 -12.93
C HIS A 86 -15.50 12.75 -12.81
N LEU A 87 -15.78 14.02 -13.14
CA LEU A 87 -14.77 15.06 -13.02
C LEU A 87 -14.55 15.47 -11.57
N GLN A 88 -15.59 15.50 -10.76
CA GLN A 88 -15.41 15.75 -9.33
C GLN A 88 -14.53 14.67 -8.70
N ASP A 89 -14.72 13.42 -9.13
CA ASP A 89 -13.84 12.35 -8.66
C ASP A 89 -12.42 12.54 -9.19
N LEU A 90 -12.30 12.92 -10.46
CA LEU A 90 -10.98 13.12 -11.07
C LEU A 90 -10.23 14.25 -10.38
N ASN A 91 -10.93 15.33 -10.04
CA ASN A 91 -10.35 16.46 -9.32
C ASN A 91 -10.38 16.26 -7.81
N SER A 92 -10.57 15.02 -7.35
CA SER A 92 -10.45 14.68 -5.94
C SER A 92 -9.14 13.96 -5.71
N ALA A 93 -8.43 14.33 -4.63
CA ALA A 93 -7.08 13.84 -4.42
C ALA A 93 -7.06 12.39 -3.94
N ASN A 94 -8.10 11.95 -3.22
CA ASN A 94 -8.07 10.61 -2.63
C ASN A 94 -7.93 9.54 -3.70
N ASN A 95 -8.68 9.64 -4.80
CA ASN A 95 -8.65 8.61 -5.83
C ASN A 95 -7.27 8.55 -6.49
N HIS A 96 -6.94 9.56 -7.30
CA HIS A 96 -5.68 9.59 -8.03
C HIS A 96 -5.14 11.01 -8.09
N PRO A 97 -4.06 11.31 -7.35
CA PRO A 97 -3.60 12.71 -7.31
C PRO A 97 -3.06 13.20 -8.64
N GLY A 98 -2.35 12.35 -9.38
CA GLY A 98 -1.72 12.80 -10.61
C GLY A 98 -2.69 13.05 -11.75
N SER A 99 -3.92 12.56 -11.63
CA SER A 99 -4.92 12.73 -12.67
C SER A 99 -5.84 13.92 -12.43
N ILE A 100 -5.58 14.72 -11.39
CA ILE A 100 -6.45 15.86 -11.10
C ILE A 100 -6.29 16.91 -12.20
N GLY A 101 -7.42 17.41 -12.70
CA GLY A 101 -7.42 18.46 -13.69
C GLY A 101 -7.36 18.00 -15.13
N LYS A 102 -7.14 16.72 -15.40
CA LYS A 102 -7.05 16.23 -16.77
C LYS A 102 -8.44 15.98 -17.36
N ALA A 103 -9.25 17.05 -17.42
CA ALA A 103 -10.64 16.92 -17.81
C ALA A 103 -10.77 16.54 -19.29
N VAL A 104 -9.88 17.08 -20.14
CA VAL A 104 -9.88 16.74 -21.56
C VAL A 104 -8.46 16.40 -21.97
N THR A 105 -8.32 15.43 -22.86
CA THR A 105 -7.02 15.08 -23.42
C THR A 105 -7.12 15.04 -24.94
N ILE A 106 -6.19 15.73 -25.60
CA ILE A 106 -6.15 15.85 -27.05
C ILE A 106 -4.80 15.34 -27.54
N TYR A 107 -4.85 14.42 -28.51
CA TYR A 107 -3.68 13.84 -29.15
C TYR A 107 -3.68 14.28 -30.61
N PRO A 108 -2.81 15.23 -31.01
CA PRO A 108 -2.76 15.67 -32.40
C PRO A 108 -1.49 15.23 -33.10
N SER A 109 -1.40 15.51 -34.41
CA SER A 109 -0.15 15.29 -35.12
C SER A 109 0.95 16.16 -34.51
N PRO A 110 2.20 15.69 -34.51
CA PRO A 110 3.25 16.46 -33.81
C PRO A 110 3.36 17.89 -34.30
N GLU A 111 3.46 18.10 -35.61
CA GLU A 111 3.61 19.45 -36.15
C GLU A 111 2.47 20.36 -35.72
N ASP A 112 1.28 19.80 -35.47
CA ASP A 112 0.12 20.59 -35.10
C ASP A 112 -0.02 20.80 -33.59
N VAL A 113 0.94 20.32 -32.79
CA VAL A 113 0.80 20.46 -31.34
C VAL A 113 0.89 21.92 -30.93
N ALA A 114 1.97 22.59 -31.31
CA ALA A 114 2.18 23.97 -30.86
C ALA A 114 1.04 24.90 -31.25
N PRO A 115 0.53 24.89 -32.50
CA PRO A 115 -0.60 25.77 -32.83
C PRO A 115 -1.81 25.53 -31.95
N LEU A 116 -2.37 24.31 -32.02
CA LEU A 116 -3.56 23.98 -31.26
C LEU A 116 -3.48 24.50 -29.84
N ALA A 117 -2.40 24.15 -29.12
CA ALA A 117 -2.20 24.62 -27.75
C ALA A 117 -2.51 26.10 -27.62
N ARG A 118 -1.75 26.92 -28.36
CA ARG A 118 -1.99 28.36 -28.34
C ARG A 118 -3.40 28.67 -28.83
N ARG A 119 -3.82 28.06 -29.95
CA ARG A 119 -5.17 28.28 -30.45
C ARG A 119 -6.21 27.91 -29.39
N LEU A 120 -5.89 26.97 -28.50
CA LEU A 120 -6.81 26.61 -27.43
C LEU A 120 -6.62 27.48 -26.19
N ALA A 121 -5.42 28.01 -25.99
CA ALA A 121 -5.23 29.02 -24.94
C ALA A 121 -6.17 30.19 -25.18
N GLU A 122 -6.14 30.76 -26.37
CA GLU A 122 -7.21 31.64 -26.82
C GLU A 122 -8.50 30.83 -26.98
N ASP A 123 -9.63 31.48 -26.73
CA ASP A 123 -10.94 30.84 -26.80
C ASP A 123 -11.26 30.16 -25.47
N LEU A 124 -10.24 29.86 -24.67
CA LEU A 124 -10.46 29.40 -23.30
C LEU A 124 -10.22 30.48 -22.26
N ALA A 125 -9.47 31.52 -22.61
CA ALA A 125 -9.45 32.78 -21.85
C ALA A 125 -9.29 32.49 -20.37
N GLY A 126 -10.04 33.13 -19.50
CA GLY A 126 -9.94 33.04 -18.08
C GLY A 126 -10.72 31.93 -17.45
N ALA A 128 -11.22 28.76 -15.52
CA ALA A 128 -10.31 28.26 -14.51
C ALA A 128 -10.49 26.77 -14.26
N GLY A 129 -9.50 26.19 -13.61
CA GLY A 129 -9.51 24.80 -13.23
C GLY A 129 -8.27 24.46 -12.44
N PRO A 130 -8.24 23.27 -11.84
CA PRO A 130 -7.06 22.89 -11.05
C PRO A 130 -5.81 22.89 -11.91
N ARG A 131 -4.71 23.32 -11.31
CA ARG A 131 -3.42 23.32 -12.02
C ARG A 131 -2.90 21.89 -12.10
N ILE A 132 -2.53 21.46 -13.31
CA ILE A 132 -2.08 20.09 -13.55
C ILE A 132 -0.57 20.04 -13.29
N CYS A 133 -0.19 19.31 -12.24
CA CYS A 133 1.20 19.32 -11.78
C CYS A 133 2.12 18.54 -12.71
N SER A 134 1.64 17.43 -13.26
CA SER A 134 2.45 16.59 -14.13
C SER A 134 2.79 17.24 -15.47
N ASP A 135 2.27 18.44 -15.73
CA ASP A 135 2.37 19.06 -17.04
C ASP A 135 2.89 20.49 -16.92
N ARG A 136 3.21 21.07 -18.08
CA ARG A 136 3.49 22.49 -18.20
C ARG A 136 2.25 23.22 -18.70
N ARG A 137 2.25 24.54 -18.52
CA ARG A 137 1.09 25.39 -18.81
C ARG A 137 1.40 26.37 -19.92
N VAL A 138 0.46 26.51 -20.86
CA VAL A 138 0.67 27.42 -21.99
C VAL A 138 0.76 28.86 -21.50
N ARG A 139 -0.26 29.32 -20.79
CA ARG A 139 -0.22 30.62 -20.12
C ARG A 139 -0.96 30.52 -18.80
N PRO A 140 -0.53 31.26 -17.79
CA PRO A 140 -1.20 31.18 -16.48
C PRO A 140 -2.62 31.71 -16.50
N ASP A 141 -3.03 32.35 -17.59
CA ASP A 141 -4.39 32.83 -17.72
C ASP A 141 -5.35 31.78 -18.27
N ALA A 142 -4.82 30.73 -18.89
CA ALA A 142 -5.62 29.71 -19.57
C ALA A 142 -5.45 28.35 -18.89
N PRO A 143 -6.44 27.45 -19.07
CA PRO A 143 -6.32 26.11 -18.49
C PRO A 143 -5.78 25.08 -19.45
N VAL A 144 -4.76 25.44 -20.22
CA VAL A 144 -4.19 24.56 -21.23
C VAL A 144 -2.81 24.11 -20.75
N TYR A 145 -2.57 22.80 -20.80
CA TYR A 145 -1.32 22.20 -20.35
C TYR A 145 -0.86 21.19 -21.39
N TYR A 146 0.38 20.74 -21.27
CA TYR A 146 0.92 19.80 -22.25
C TYR A 146 2.04 18.97 -21.61
N ARG A 147 2.23 17.77 -22.16
CA ARG A 147 3.30 16.92 -21.67
C ARG A 147 3.62 15.84 -22.70
N TYR A 148 4.77 15.19 -22.52
CA TYR A 148 5.17 14.07 -23.37
C TYR A 148 4.83 12.77 -22.67
N GLY A 149 4.24 11.85 -23.41
CA GLY A 149 3.86 10.58 -22.85
C GLY A 149 3.30 9.60 -23.85
N PRO A 150 2.87 8.45 -23.35
CA PRO A 150 2.25 7.44 -24.21
C PRO A 150 0.86 7.85 -24.64
N PHE A 151 0.52 7.46 -25.87
CA PHE A 151 -0.85 7.59 -26.38
C PHE A 151 -1.59 6.26 -26.36
N HIS A 152 -0.86 5.14 -26.53
CA HIS A 152 -1.35 3.78 -26.39
C HIS A 152 -0.77 3.15 -25.12
N PRO A 153 -1.46 2.17 -24.54
CA PRO A 153 -0.99 1.59 -23.28
C PRO A 153 0.09 0.52 -23.47
N CYS A 154 1.35 0.94 -23.55
CA CYS A 154 2.47 0.01 -23.64
CA CYS A 154 2.47 0.01 -23.64
C CYS A 154 3.16 -0.05 -22.28
N TYR A 155 3.27 -1.25 -21.73
CA TYR A 155 3.86 -1.47 -20.42
C TYR A 155 5.18 -2.23 -20.55
N ASP A 156 6.10 -1.94 -19.63
CA ASP A 156 7.33 -2.70 -19.49
C ASP A 156 7.54 -3.05 -18.03
N ILE A 157 8.46 -3.95 -17.78
CA ILE A 157 8.67 -4.51 -16.45
C ILE A 157 9.76 -3.70 -15.73
N ASN A 158 9.51 -3.42 -14.46
CA ASN A 158 10.48 -2.76 -13.60
C ASN A 158 11.23 -3.82 -12.78
N ASP A 159 12.29 -3.37 -12.10
CA ASP A 159 13.13 -4.27 -11.31
C ASP A 159 12.37 -4.90 -10.14
N ASP A 160 11.12 -4.49 -9.89
CA ASP A 160 10.25 -5.11 -8.89
C ASP A 160 9.32 -6.15 -9.50
N GLY A 161 9.44 -6.43 -10.79
CA GLY A 161 8.55 -7.33 -11.48
C GLY A 161 7.25 -6.72 -11.93
N ASP A 162 6.90 -5.53 -11.44
CA ASP A 162 5.64 -4.90 -11.80
C ASP A 162 5.75 -4.25 -13.18
N LEU A 163 4.62 -3.77 -13.66
CA LEU A 163 4.51 -3.25 -15.02
C LEU A 163 4.18 -1.77 -14.97
N GLU A 164 4.88 -0.98 -15.77
CA GLU A 164 4.77 0.47 -15.76
C GLU A 164 4.64 0.97 -17.19
N LEU A 165 3.79 1.98 -17.37
CA LEU A 165 3.61 2.60 -18.68
C LEU A 165 4.90 3.29 -19.11
N VAL A 166 5.28 3.09 -20.37
CA VAL A 166 6.59 3.48 -20.86
C VAL A 166 6.47 4.17 -22.21
N VAL A 167 7.41 5.06 -22.48
CA VAL A 167 7.69 5.53 -23.83
C VAL A 167 9.04 4.92 -24.23
N THR A 168 9.35 4.97 -25.51
CA THR A 168 10.57 4.36 -26.03
C THR A 168 11.43 5.41 -26.71
N ASP A 169 12.73 5.42 -26.39
CA ASP A 169 13.66 6.35 -27.01
C ASP A 169 14.09 5.83 -28.37
N PRO A 170 14.76 6.66 -29.16
CA PRO A 170 15.15 6.22 -30.52
C PRO A 170 16.10 5.05 -30.52
N GLN A 171 16.77 4.77 -29.39
CA GLN A 171 17.57 3.55 -29.28
C GLN A 171 16.73 2.35 -28.87
N GLY A 172 15.45 2.54 -28.56
CA GLY A 172 14.58 1.47 -28.15
C GLY A 172 14.42 1.29 -26.66
N ASN A 173 15.29 1.91 -25.85
CA ASN A 173 15.21 1.75 -24.41
C ASN A 173 13.86 2.27 -23.90
N THR A 174 13.29 1.58 -22.93
CA THR A 174 12.02 1.98 -22.35
C THR A 174 12.27 2.92 -21.18
N HIS A 175 11.62 4.08 -21.20
CA HIS A 175 11.71 5.07 -20.14
C HIS A 175 10.36 5.20 -19.47
N PRO A 176 10.30 5.00 -18.15
CA PRO A 176 9.00 5.08 -17.44
C PRO A 176 8.40 6.47 -17.53
N GLY A 177 7.20 6.54 -18.08
CA GLY A 177 6.51 7.80 -18.25
C GLY A 177 5.32 7.96 -17.33
N ALA A 178 4.89 9.20 -17.12
CA ALA A 178 3.74 9.52 -16.28
C ALA A 178 3.90 8.93 -14.88
N ALA A 179 5.00 9.31 -14.24
CA ALA A 179 5.29 8.89 -12.88
C ALA A 179 6.00 10.04 -12.17
N ASP A 180 5.92 10.03 -10.84
CA ASP A 180 6.44 11.09 -9.99
C ASP A 180 5.68 12.39 -10.17
N ASP A 181 4.55 12.35 -10.88
CA ASP A 181 3.70 13.51 -11.13
C ASP A 181 4.52 14.78 -11.31
N SER A 182 5.48 14.71 -12.24
CA SER A 182 6.35 15.83 -12.55
C SER A 182 6.64 15.80 -14.04
N PHE A 183 6.79 16.98 -14.63
CA PHE A 183 7.07 17.05 -16.05
C PHE A 183 8.41 16.39 -16.35
N TRP A 184 8.42 15.50 -17.35
CA TRP A 184 9.60 14.78 -17.78
C TRP A 184 9.83 15.08 -19.25
N GLN A 185 10.99 15.64 -19.57
CA GLN A 185 11.26 16.07 -20.94
C GLN A 185 12.01 14.96 -21.67
N PRO A 186 11.48 14.45 -22.79
CA PRO A 186 12.22 13.46 -23.56
C PRO A 186 13.44 14.09 -24.22
N HIS A 187 14.58 13.40 -24.14
CA HIS A 187 15.79 13.96 -24.72
C HIS A 187 15.82 13.87 -26.24
N TRP A 188 14.92 13.11 -26.86
CA TRP A 188 14.88 12.97 -28.31
C TRP A 188 13.83 13.86 -28.98
N SER A 189 13.02 14.57 -28.20
CA SER A 189 11.97 15.41 -28.76
C SER A 189 11.99 16.79 -28.11
N PRO A 190 11.84 17.85 -28.89
CA PRO A 190 11.88 19.21 -28.32
C PRO A 190 10.52 19.66 -27.82
N ASP A 191 10.54 20.41 -26.72
CA ASP A 191 9.35 21.07 -26.18
C ASP A 191 8.67 21.82 -27.32
N PRO A 192 7.49 21.39 -27.77
CA PRO A 192 6.91 21.97 -29.00
C PRO A 192 6.62 23.45 -28.89
N LEU A 193 6.71 24.03 -27.69
CA LEU A 193 6.47 25.45 -27.49
C LEU A 193 7.75 26.20 -27.14
N THR A 194 8.43 25.83 -26.05
CA THR A 194 9.69 26.47 -25.70
C THR A 194 10.79 26.19 -26.73
N GLY A 195 10.58 25.23 -27.64
CA GLY A 195 11.56 24.88 -28.64
C GLY A 195 12.85 24.32 -28.08
N ALA A 196 12.91 24.19 -26.76
CA ALA A 196 14.12 23.78 -26.06
C ALA A 196 13.93 22.44 -25.39
N THR A 197 15.04 21.77 -25.09
CA THR A 197 15.07 20.45 -24.47
C THR A 197 15.81 20.55 -23.15
N PRO A 198 15.13 20.94 -22.07
CA PRO A 198 15.80 21.03 -20.77
C PRO A 198 16.39 19.69 -20.35
N HIS A 199 17.28 19.76 -19.36
CA HIS A 199 17.89 18.57 -18.80
C HIS A 199 17.59 18.47 -17.31
N PRO A 200 17.24 17.29 -16.81
CA PRO A 200 17.02 17.14 -15.37
C PRO A 200 18.32 17.10 -14.60
N ALA A 201 18.26 17.52 -13.34
CA ALA A 201 19.43 17.59 -12.47
C ALA A 201 18.97 17.74 -11.04
N PRO A 202 19.79 17.33 -10.07
CA PRO A 202 19.40 17.50 -8.65
C PRO A 202 19.31 18.96 -8.23
N SER A 203 20.05 19.85 -8.89
CA SER A 203 20.01 21.27 -8.56
C SER A 203 18.59 21.82 -8.58
N VAL A 210 12.69 23.96 6.11
CA VAL A 210 13.22 23.07 5.07
C VAL A 210 13.38 23.87 3.79
N LEU A 211 12.68 24.99 3.67
CA LEU A 211 12.68 25.76 2.44
C LEU A 211 12.42 27.24 2.73
N LEU A 212 12.90 28.10 1.82
CA LEU A 212 12.67 29.54 1.91
C LEU A 212 11.44 29.89 1.07
N GLY A 213 10.27 29.70 1.68
CA GLY A 213 9.02 30.03 1.04
C GLY A 213 8.89 31.50 0.68
N GLY A 214 9.79 32.34 1.14
CA GLY A 214 9.72 33.75 0.81
C GLY A 214 8.69 34.48 1.62
N ARG A 215 7.46 33.96 1.67
CA ARG A 215 6.48 34.50 2.59
C ARG A 215 6.95 34.30 4.03
N TYR A 216 7.39 33.08 4.35
CA TYR A 216 7.95 32.79 5.67
C TYR A 216 8.84 31.56 5.51
N ARG A 217 10.16 31.79 5.41
CA ARG A 217 11.11 30.72 5.19
C ARG A 217 10.96 29.63 6.25
N VAL A 218 10.47 28.46 5.85
CA VAL A 218 10.09 27.40 6.79
C VAL A 218 10.01 26.03 6.12
N VAL A 219 9.92 24.98 6.94
CA VAL A 219 9.77 23.61 6.42
C VAL A 219 8.43 23.47 5.71
N GLY A 228 0.82 17.02 -1.87
CA GLY A 228 1.87 17.80 -1.25
C GLY A 228 1.42 19.21 -0.93
N CYS A 229 0.58 19.35 0.10
CA CYS A 229 -0.03 20.61 0.44
C CYS A 229 0.09 20.90 1.93
N VAL A 230 1.24 20.58 2.53
CA VAL A 230 1.47 20.84 3.95
C VAL A 230 2.96 21.04 4.18
N TYR A 231 3.28 21.83 5.21
CA TYR A 231 4.65 22.21 5.54
C TYR A 231 4.70 22.60 7.01
N ARG A 232 5.91 22.56 7.59
CA ARG A 232 6.15 22.88 9.00
C ARG A 232 6.91 24.19 9.11
N ALA A 233 6.67 24.97 10.17
CA ALA A 233 7.13 26.34 10.10
C ALA A 233 7.50 26.95 11.44
N ILE A 234 8.36 27.97 11.33
CA ILE A 234 8.71 28.91 12.38
C ILE A 234 8.93 30.27 11.70
N ASP A 235 8.28 31.31 12.22
CA ASP A 235 8.28 32.60 11.55
C ASP A 235 9.71 33.05 11.25
N THR A 236 9.93 33.53 10.02
CA THR A 236 11.23 34.11 9.69
C THR A 236 11.56 35.28 10.61
N THR A 237 10.55 35.92 11.19
CA THR A 237 10.76 37.04 12.09
C THR A 237 11.01 36.58 13.53
N ASP A 238 10.04 35.87 14.12
CA ASP A 238 10.17 35.42 15.50
C ASP A 238 11.43 34.58 15.69
N ILE A 243 3.60 25.78 11.07
CA ILE A 243 2.94 24.90 10.11
C ILE A 243 2.08 25.75 9.18
N ILE A 244 2.42 25.73 7.89
CA ILE A 244 1.66 26.45 6.86
C ILE A 244 0.93 25.40 6.02
N LYS A 245 -0.38 25.30 6.23
CA LYS A 245 -1.20 24.44 5.41
C LYS A 245 -1.53 25.11 4.09
N GLU A 246 -1.49 24.33 3.02
CA GLU A 246 -1.64 24.81 1.65
C GLU A 246 -2.90 24.22 1.04
N ALA A 247 -3.53 25.01 0.17
CA ALA A 247 -4.70 24.56 -0.57
C ALA A 247 -4.53 24.94 -2.03
N ARG A 248 -4.78 23.95 -2.90
CA ARG A 248 -4.68 24.08 -4.35
C ARG A 248 -6.06 24.34 -4.91
N ALA A 249 -6.17 25.33 -5.80
CA ALA A 249 -7.47 25.79 -6.25
C ALA A 249 -8.24 24.71 -6.99
N HIS A 250 -9.55 24.67 -6.75
CA HIS A 250 -10.52 23.82 -7.45
C HIS A 250 -10.30 22.34 -7.19
N VAL A 251 -9.48 21.98 -6.22
CA VAL A 251 -9.23 20.60 -5.84
C VAL A 251 -10.16 20.23 -4.69
N ASN A 252 -10.74 19.03 -4.77
CA ASN A 252 -11.68 18.57 -3.75
C ASN A 252 -12.91 19.50 -3.69
N GLU A 253 -13.52 19.73 -4.84
CA GLU A 253 -14.71 20.57 -4.90
C GLU A 253 -15.93 19.77 -4.48
N ASP A 254 -16.68 20.32 -3.51
CA ASP A 254 -17.90 19.68 -3.04
C ASP A 254 -19.03 19.87 -4.05
N THR A 255 -20.11 19.12 -3.86
CA THR A 255 -21.30 19.32 -4.69
C THR A 255 -21.83 20.74 -4.58
N LEU A 256 -21.49 21.46 -3.51
CA LEU A 256 -21.84 22.85 -3.32
C LEU A 256 -20.71 23.79 -3.75
N GLY A 257 -19.84 23.34 -4.63
CA GLY A 257 -18.74 24.18 -5.09
C GLY A 257 -17.82 24.61 -3.98
N ARG A 258 -17.53 23.70 -3.05
CA ARG A 258 -16.70 24.02 -1.89
C ARG A 258 -15.29 23.47 -2.13
N ASP A 259 -14.33 24.38 -2.21
CA ASP A 259 -12.97 24.08 -2.60
C ASP A 259 -12.11 23.76 -1.38
N SER A 260 -10.89 23.29 -1.63
CA SER A 260 -9.95 23.07 -0.52
C SER A 260 -9.55 24.39 0.14
N ARG A 261 -9.45 25.46 -0.66
CA ARG A 261 -9.20 26.78 -0.10
C ARG A 261 -10.33 27.19 0.84
N LEU A 262 -11.58 26.89 0.47
CA LEU A 262 -12.70 27.12 1.38
C LEU A 262 -12.56 26.28 2.64
N ARG A 263 -11.96 25.10 2.56
CA ARG A 263 -11.71 24.30 3.76
C ARG A 263 -10.73 25.03 4.68
N LEU A 264 -9.64 25.55 4.11
CA LEU A 264 -8.74 26.38 4.90
C LEU A 264 -9.49 27.56 5.52
N ARG A 265 -10.49 28.10 4.82
CA ARG A 265 -11.23 29.23 5.37
C ARG A 265 -12.07 28.82 6.56
N ASN A 266 -12.75 27.67 6.47
CA ASN A 266 -13.44 27.13 7.66
C ASN A 266 -12.47 26.97 8.82
N GLU A 267 -11.26 26.50 8.52
CA GLU A 267 -10.25 26.37 9.56
C GLU A 267 -9.92 27.71 10.17
N ARG A 268 -9.64 28.72 9.34
CA ARG A 268 -9.31 30.05 9.86
C ARG A 268 -10.44 30.56 10.74
N TYR A 269 -11.68 30.27 10.36
CA TYR A 269 -12.82 30.65 11.20
C TYR A 269 -12.68 30.05 12.58
N VAL A 270 -12.52 28.73 12.67
CA VAL A 270 -12.45 28.13 14.00
C VAL A 270 -11.14 28.51 14.72
N LEU A 271 -10.10 28.90 13.97
CA LEU A 271 -8.83 29.31 14.56
C LEU A 271 -8.91 30.72 15.15
N HIS A 272 -9.83 31.55 14.65
CA HIS A 272 -10.13 32.82 15.30
C HIS A 272 -11.23 32.67 16.34
N LEU A 273 -12.04 31.61 16.27
CA LEU A 273 -13.02 31.26 17.29
C LEU A 273 -12.43 30.33 18.33
N LEU A 274 -11.18 30.58 18.72
CA LEU A 274 -10.40 29.61 19.47
C LEU A 274 -10.03 30.08 20.86
N ARG A 275 -10.45 31.27 21.27
CA ARG A 275 -9.92 31.88 22.48
C ARG A 275 -9.99 30.95 23.69
N ASP A 276 -11.13 30.29 23.91
CA ASP A 276 -11.21 29.31 24.99
C ASP A 276 -10.59 27.99 24.54
N LEU A 277 -9.85 27.35 25.45
CA LEU A 277 -9.04 26.18 25.12
C LEU A 277 -7.99 26.52 24.04
N ASP A 278 -7.57 27.78 23.97
CA ASP A 278 -6.61 28.19 22.94
C ASP A 278 -5.23 27.60 23.15
N ASP A 279 -4.96 27.05 24.34
CA ASP A 279 -3.68 26.38 24.57
C ASP A 279 -3.46 25.23 23.58
N VAL A 280 -4.54 24.65 23.07
CA VAL A 280 -4.43 23.41 22.30
C VAL A 280 -4.01 23.72 20.86
N PRO A 281 -4.72 24.58 20.11
CA PRO A 281 -4.30 24.81 18.72
C PRO A 281 -3.36 25.99 18.61
N LYS A 282 -3.14 26.45 17.38
CA LYS A 282 -1.99 27.28 17.09
C LYS A 282 -2.39 28.69 16.71
N VAL A 283 -1.36 29.50 16.47
CA VAL A 283 -1.51 30.86 15.97
C VAL A 283 -1.89 30.77 14.51
N ILE A 284 -2.23 31.91 13.91
CA ILE A 284 -2.82 31.93 12.58
C ILE A 284 -2.22 33.09 11.79
N ASP A 285 -2.18 32.90 10.47
CA ASP A 285 -1.72 33.90 9.52
C ASP A 285 -2.18 33.44 8.14
N HIS A 286 -2.76 34.33 7.34
CA HIS A 286 -3.40 33.94 6.08
C HIS A 286 -2.81 34.74 4.94
N PHE A 287 -2.43 34.04 3.86
CA PHE A 287 -1.98 34.73 2.67
C PHE A 287 -2.21 33.85 1.46
N ARG A 288 -1.98 34.41 0.28
CA ARG A 288 -2.28 33.71 -0.97
C ARG A 288 -1.23 34.06 -2.01
N HIS A 289 -1.02 33.14 -2.94
CA HIS A 289 -0.06 33.36 -4.03
C HIS A 289 -0.52 32.55 -5.23
N GLU A 290 -0.58 33.21 -6.40
CA GLU A 290 -0.93 32.55 -7.65
C GLU A 290 -2.25 31.78 -7.50
N ASP A 291 -2.22 30.47 -7.80
CA ASP A 291 -3.41 29.63 -7.75
C ASP A 291 -3.52 28.84 -6.45
N ARG A 292 -2.93 29.33 -5.38
CA ARG A 292 -2.90 28.60 -4.13
C ARG A 292 -3.03 29.56 -2.95
N GLU A 293 -3.47 29.01 -1.82
CA GLU A 293 -3.60 29.78 -0.60
C GLU A 293 -2.97 29.03 0.58
N TYR A 294 -2.58 29.79 1.61
CA TYR A 294 -1.86 29.25 2.74
C TYR A 294 -2.35 29.85 4.05
N LEU A 295 -2.35 29.01 5.09
CA LEU A 295 -2.77 29.36 6.43
C LEU A 295 -1.70 28.89 7.41
N ALA A 296 -1.54 29.60 8.53
CA ALA A 296 -0.47 29.27 9.48
C ALA A 296 -0.97 28.49 10.69
N ALA A 310 4.53 17.50 18.87
CA ALA A 310 5.29 16.35 19.31
C ALA A 310 4.96 15.11 18.47
N GLU A 311 4.07 15.28 17.50
CA GLU A 311 3.80 14.25 16.49
C GLU A 311 3.27 12.97 17.14
N ASN A 312 2.26 13.12 17.99
CA ASN A 312 1.64 11.95 18.61
C ASN A 312 1.10 11.02 17.53
N GLY A 313 0.81 9.78 17.93
CA GLY A 313 0.58 8.71 17.00
C GLY A 313 1.83 7.92 16.67
N LEU A 314 3.00 8.53 16.83
CA LEU A 314 4.26 7.81 16.85
C LEU A 314 4.42 7.18 18.23
N TYR A 315 4.33 5.85 18.27
CA TYR A 315 4.33 5.13 19.54
C TYR A 315 5.68 4.48 19.77
N VAL A 316 6.67 5.32 20.03
CA VAL A 316 7.85 4.83 20.73
C VAL A 316 7.42 4.21 22.05
N ALA A 317 6.43 4.81 22.69
CA ALA A 317 5.82 4.28 23.90
C ALA A 317 4.58 3.49 23.50
N ASP A 318 4.61 2.17 23.77
CA ASP A 318 3.58 1.29 23.23
C ASP A 318 2.18 1.66 23.70
N PRO A 319 1.89 1.74 25.00
CA PRO A 319 0.56 2.21 25.41
C PRO A 319 0.55 3.69 25.70
N ALA A 320 1.53 4.43 25.17
CA ALA A 320 1.76 5.84 25.50
C ALA A 320 1.55 6.02 27.02
N PRO A 321 2.27 5.27 27.83
CA PRO A 321 1.95 5.21 29.26
C PRO A 321 1.91 6.59 29.89
N PRO A 322 0.79 6.98 30.49
CA PRO A 322 0.78 8.22 31.27
C PRO A 322 1.84 8.24 32.34
N GLY A 323 2.01 7.13 33.06
CA GLY A 323 3.08 6.98 34.03
C GLY A 323 3.40 5.51 34.27
N ARG A 324 3.07 4.68 33.29
CA ARG A 324 3.24 3.23 33.37
C ARG A 324 2.45 2.62 34.53
N SER A 325 1.50 3.37 35.08
CA SER A 325 0.76 2.91 36.23
C SER A 325 -0.36 1.95 35.81
N LEU A 326 -1.11 1.47 36.79
CA LEU A 326 -2.21 0.56 36.51
C LEU A 326 -3.35 1.28 35.79
N ARG A 327 -3.58 2.55 36.10
CA ARG A 327 -4.65 3.34 35.51
C ARG A 327 -4.06 4.27 34.45
N ALA A 328 -4.66 4.26 33.26
CA ALA A 328 -4.24 5.13 32.16
C ALA A 328 -5.45 5.86 31.58
N LEU A 329 -6.46 6.11 32.41
CA LEU A 329 -7.58 6.96 32.00
C LEU A 329 -7.19 8.43 31.96
N ALA A 330 -5.93 8.77 32.23
CA ALA A 330 -5.51 10.17 32.22
C ALA A 330 -5.75 10.79 30.85
N THR A 331 -5.22 10.15 29.81
CA THR A 331 -5.44 10.63 28.45
C THR A 331 -6.93 10.65 28.12
N ALA A 332 -7.68 9.66 28.60
CA ALA A 332 -9.11 9.60 28.28
C ALA A 332 -9.86 10.78 28.87
N LEU A 333 -9.59 11.13 30.12
CA LEU A 333 -10.22 12.32 30.71
C LEU A 333 -9.72 13.59 30.03
N LEU A 334 -8.45 13.59 29.58
CA LEU A 334 -7.93 14.72 28.83
C LEU A 334 -8.70 14.93 27.53
N GLU A 335 -9.28 13.86 26.98
CA GLU A 335 -10.13 14.03 25.80
C GLU A 335 -11.36 14.90 26.13
N LEU A 336 -12.06 14.57 27.21
CA LEU A 336 -13.19 15.40 27.60
C LEU A 336 -12.74 16.80 28.00
N LEU A 337 -11.49 16.95 28.44
CA LEU A 337 -10.96 18.29 28.70
C LEU A 337 -11.31 19.25 27.57
N ASP A 338 -11.06 18.82 26.33
CA ASP A 338 -11.39 19.64 25.17
C ASP A 338 -12.81 19.38 24.65
N HIS A 339 -13.43 18.26 25.04
CA HIS A 339 -14.84 18.09 24.70
C HIS A 339 -15.68 19.21 25.30
N VAL A 340 -15.41 19.59 26.55
CA VAL A 340 -16.22 20.60 27.21
C VAL A 340 -16.09 21.96 26.55
N HIS A 341 -15.20 22.09 25.56
CA HIS A 341 -15.06 23.36 24.86
C HIS A 341 -16.40 23.85 24.33
N ARG A 342 -17.29 22.93 23.94
CA ARG A 342 -18.58 23.30 23.38
C ARG A 342 -18.40 24.30 22.24
N ARG A 343 -18.88 25.52 22.43
CA ARG A 343 -18.76 26.60 21.44
C ARG A 343 -19.40 26.23 20.09
N GLY A 344 -20.20 25.17 20.05
CA GLY A 344 -20.81 24.74 18.80
C GLY A 344 -19.83 24.22 17.77
N VAL A 345 -18.60 23.90 18.17
CA VAL A 345 -17.55 23.46 17.26
C VAL A 345 -17.43 21.95 17.38
N LEU A 346 -17.74 21.25 16.27
CA LEU A 346 -17.75 19.79 16.22
C LEU A 346 -16.60 19.32 15.34
N VAL A 347 -15.52 18.86 15.97
CA VAL A 347 -14.32 18.49 15.22
C VAL A 347 -14.65 17.49 14.11
N ARG A 348 -15.51 16.52 14.42
CA ARG A 348 -15.96 15.54 13.44
C ARG A 348 -14.82 14.70 12.88
N ASP A 349 -13.61 14.89 13.40
CA ASP A 349 -12.45 14.20 12.85
C ASP A 349 -11.35 14.12 13.88
N LEU A 350 -11.55 13.30 14.92
CA LEU A 350 -10.57 13.12 15.99
C LEU A 350 -9.81 11.83 15.72
N THR A 351 -8.64 11.93 15.13
CA THR A 351 -7.81 10.80 14.78
C THR A 351 -6.52 10.79 15.59
N PRO A 352 -5.88 9.62 15.72
CA PRO A 352 -4.56 9.59 16.37
C PRO A 352 -3.53 10.47 15.68
N THR A 353 -3.76 10.89 14.44
CA THR A 353 -2.93 11.90 13.82
C THR A 353 -3.38 13.30 14.20
N ASN A 354 -4.59 13.45 14.71
CA ASN A 354 -5.08 14.72 15.25
C ASN A 354 -4.98 14.73 16.78
N VAL A 355 -3.75 14.63 17.27
CA VAL A 355 -3.44 14.70 18.70
C VAL A 355 -1.95 14.97 18.84
N VAL A 356 -1.60 15.77 19.85
CA VAL A 356 -0.20 16.08 20.14
C VAL A 356 -0.13 16.55 21.58
N LEU A 357 0.92 16.12 22.29
CA LEU A 357 1.02 16.42 23.72
C LEU A 357 2.51 16.51 24.10
N ASP A 358 3.00 17.73 24.21
CA ASP A 358 4.34 17.96 24.71
C ASP A 358 4.39 17.66 26.20
N ASP A 359 5.45 16.98 26.61
CA ASP A 359 5.67 16.64 28.06
C ASP A 359 4.61 15.61 28.48
N ALA A 360 4.14 15.69 29.72
CA ALA A 360 3.17 14.75 30.26
C ALA A 360 1.77 15.12 29.76
N THR A 361 0.72 14.67 30.46
CA THR A 361 -0.64 14.98 30.03
C THR A 361 -0.89 16.47 29.90
N GLY A 362 -0.05 17.30 30.52
CA GLY A 362 -0.13 18.74 30.32
C GLY A 362 0.42 19.18 28.98
N ARG A 363 0.05 20.40 28.58
CA ARG A 363 0.37 20.99 27.29
C ARG A 363 -0.42 20.32 26.16
N PRO A 364 -1.73 20.11 26.31
CA PRO A 364 -2.50 19.45 25.24
C PRO A 364 -2.51 20.30 23.96
N ARG A 365 -2.34 19.63 22.82
CA ARG A 365 -2.23 20.30 21.54
C ARG A 365 -3.07 19.55 20.50
N LEU A 366 -3.44 20.27 19.45
CA LEU A 366 -4.26 19.71 18.37
C LEU A 366 -4.15 20.61 17.15
N VAL A 367 -4.11 20.00 15.97
CA VAL A 367 -3.81 20.75 14.76
C VAL A 367 -4.58 20.26 13.53
N ASP A 368 -5.90 20.15 13.63
CA ASP A 368 -6.71 19.98 12.42
C ASP A 368 -8.19 20.18 12.69
N PHE A 369 -8.82 21.07 11.92
CA PHE A 369 -10.24 21.35 12.10
C PHE A 369 -10.92 21.66 10.77
N GLU A 370 -10.38 21.12 9.67
CA GLU A 370 -10.94 21.40 8.36
C GLU A 370 -12.44 21.12 8.33
N ILE A 371 -12.88 20.12 9.08
CA ILE A 371 -14.26 19.65 9.01
C ILE A 371 -14.92 19.87 10.37
N SER A 372 -14.47 20.89 11.08
CA SER A 372 -14.99 21.19 12.42
C SER A 372 -16.15 22.18 12.34
N HIS A 373 -17.22 21.77 11.66
CA HIS A 373 -18.34 22.64 11.40
C HIS A 373 -19.63 21.84 11.39
N ALA A 374 -20.62 22.30 12.15
CA ALA A 374 -21.95 21.71 12.11
C ALA A 374 -22.98 22.62 11.46
N GLU A 375 -22.62 23.87 11.16
CA GLU A 375 -23.51 24.77 10.45
C GLU A 375 -23.98 24.11 9.16
N ASP A 376 -24.99 24.67 8.53
CA ASP A 376 -25.50 24.15 7.26
C ASP A 376 -24.35 23.77 6.31
N PRO A 377 -23.31 24.62 6.14
CA PRO A 377 -22.12 24.15 5.42
C PRO A 377 -21.40 23.06 6.21
N GLN A 378 -21.91 21.84 6.16
CA GLN A 378 -21.27 20.69 6.79
C GLN A 378 -20.39 19.99 5.76
N LEU A 379 -19.08 20.11 5.92
CA LEU A 379 -18.16 19.45 5.00
C LEU A 379 -18.25 17.94 5.16
N TYR A 380 -18.20 17.24 4.02
CA TYR A 380 -18.24 15.78 4.04
C TYR A 380 -16.87 15.25 4.48
N GLY A 381 -16.89 14.34 5.46
CA GLY A 381 -15.67 13.83 6.02
C GLY A 381 -15.46 12.37 5.67
N TRP A 382 -15.91 11.47 6.55
CA TRP A 382 -15.51 10.07 6.46
C TRP A 382 -14.00 9.99 6.29
N THR A 383 -13.32 11.07 6.67
CA THR A 383 -11.90 11.22 6.37
C THR A 383 -11.09 10.07 6.92
N PRO A 384 -11.24 9.68 8.16
CA PRO A 384 -10.62 8.43 8.61
C PRO A 384 -11.39 7.29 7.97
N GLY A 385 -10.77 6.56 7.04
CA GLY A 385 -11.43 5.42 6.46
C GLY A 385 -12.11 4.52 7.46
N TYR A 386 -11.70 4.63 8.73
CA TYR A 386 -12.10 3.70 9.78
C TYR A 386 -12.61 4.38 11.05
N SER A 387 -12.04 5.52 11.45
CA SER A 387 -12.29 6.05 12.78
C SER A 387 -13.60 6.80 12.99
N PRO A 388 -14.30 7.29 11.96
CA PRO A 388 -15.53 8.01 12.22
C PRO A 388 -16.67 7.04 12.42
N PRO A 389 -17.79 7.53 12.92
CA PRO A 389 -18.95 6.65 13.08
C PRO A 389 -19.49 6.17 11.75
N GLU A 390 -20.53 5.33 11.82
CA GLU A 390 -21.28 4.93 10.64
C GLU A 390 -22.19 6.04 10.13
N GLN A 391 -22.22 7.19 10.80
CA GLN A 391 -23.14 8.27 10.45
C GLN A 391 -22.43 9.48 9.90
N GLU A 392 -21.12 9.41 9.67
CA GLU A 392 -20.46 10.42 8.85
C GLU A 392 -20.63 10.02 7.39
N ARG A 393 -21.87 9.66 7.05
CA ARG A 393 -22.38 9.63 5.69
C ARG A 393 -23.00 10.97 5.31
N ASP A 394 -22.43 12.05 5.84
CA ASP A 394 -22.91 13.42 5.76
C ASP A 394 -24.15 13.61 6.62
N GLU A 395 -24.68 12.57 7.23
CA GLU A 395 -25.76 12.72 8.20
C GLU A 395 -25.32 13.79 9.20
N PRO A 396 -26.27 14.46 9.87
CA PRO A 396 -25.90 15.61 10.70
C PRO A 396 -24.82 15.28 11.72
N ALA A 397 -24.04 16.30 12.07
CA ALA A 397 -22.92 16.16 12.98
C ALA A 397 -23.38 16.26 14.43
N THR A 398 -22.55 15.72 15.33
CA THR A 398 -22.84 15.70 16.76
C THR A 398 -21.54 15.49 17.50
N VAL A 399 -21.26 16.31 18.54
CA VAL A 399 -20.18 15.96 19.44
C VAL A 399 -20.36 14.50 19.85
N GLU A 400 -21.61 14.12 20.16
CA GLU A 400 -21.92 12.72 20.42
C GLU A 400 -21.24 11.80 19.41
N ALA A 401 -21.40 12.09 18.12
CA ALA A 401 -20.78 11.24 17.10
C ALA A 401 -19.27 11.29 17.16
N ASP A 402 -18.69 12.41 17.60
CA ASP A 402 -17.24 12.51 17.79
C ASP A 402 -16.78 11.48 18.82
N TYR A 403 -17.75 10.75 19.39
CA TYR A 403 -17.44 9.65 20.30
C TYR A 403 -16.79 8.49 19.56
N TYR A 404 -17.29 8.15 18.38
CA TYR A 404 -16.74 7.01 17.67
C TYR A 404 -15.32 7.30 17.23
N SER A 405 -14.97 8.57 17.09
CA SER A 405 -13.59 8.98 16.90
C SER A 405 -12.82 8.95 18.22
N LEU A 406 -13.47 9.34 19.31
CA LEU A 406 -12.91 9.17 20.63
C LEU A 406 -12.58 7.70 20.86
N GLY A 407 -13.62 6.86 20.97
CA GLY A 407 -13.38 5.45 21.23
C GLY A 407 -12.37 4.84 20.29
N ALA A 408 -12.52 5.10 18.99
CA ALA A 408 -11.58 4.56 18.02
C ALA A 408 -10.17 5.05 18.34
N THR A 409 -10.01 6.34 18.57
CA THR A 409 -8.74 6.84 19.07
C THR A 409 -8.28 5.97 20.23
N LEU A 410 -9.14 5.79 21.23
CA LEU A 410 -8.80 4.96 22.37
C LEU A 410 -8.36 3.57 21.92
N PHE A 411 -9.07 2.98 20.96
CA PHE A 411 -8.63 1.69 20.44
C PHE A 411 -7.17 1.77 20.00
N TYR A 412 -6.87 2.68 19.06
CA TYR A 412 -5.48 2.80 18.62
C TYR A 412 -4.57 3.12 19.79
N ALA A 413 -5.11 3.74 20.84
CA ALA A 413 -4.32 4.04 22.02
C ALA A 413 -3.81 2.77 22.69
N ALA A 414 -4.72 1.81 22.92
CA ALA A 414 -4.31 0.56 23.55
C ALA A 414 -3.56 -0.34 22.57
N THR A 415 -4.25 -0.69 21.48
CA THR A 415 -3.71 -1.68 20.53
C THR A 415 -2.40 -1.25 19.91
N GLY A 416 -2.19 0.05 19.76
CA GLY A 416 -1.12 0.53 18.91
C GLY A 416 -1.39 0.32 17.44
N LEU A 417 -2.64 0.05 17.08
CA LEU A 417 -3.01 -0.22 15.69
C LEU A 417 -4.44 0.23 15.46
N PRO A 418 -4.75 0.76 14.28
CA PRO A 418 -6.10 1.24 14.02
C PRO A 418 -7.13 0.14 14.21
N PRO A 419 -8.37 0.51 14.54
CA PRO A 419 -9.47 -0.45 14.37
C PRO A 419 -9.56 -0.88 12.92
N THR A 420 -10.21 -2.02 12.68
CA THR A 420 -10.21 -2.62 11.36
C THR A 420 -11.44 -2.19 10.56
N TRP A 421 -11.19 -1.64 9.38
CA TRP A 421 -12.25 -1.16 8.48
C TRP A 421 -11.87 -1.54 7.06
N THR A 423 -13.21 -1.24 2.88
CA THR A 423 -14.15 -0.72 1.90
C THR A 423 -15.18 -1.79 1.56
N GLY A 424 -16.42 -1.56 1.97
CA GLY A 424 -17.51 -2.47 1.70
C GLY A 424 -17.88 -3.40 2.83
N ASP A 425 -17.22 -3.33 3.97
CA ASP A 425 -17.53 -4.26 5.04
C ASP A 425 -18.93 -4.00 5.56
N PRO A 426 -19.88 -4.91 5.38
CA PRO A 426 -21.21 -4.72 6.00
C PRO A 426 -21.11 -4.59 7.50
N GLY A 427 -20.06 -5.14 8.11
CA GLY A 427 -19.82 -5.00 9.53
C GLY A 427 -18.52 -4.23 9.77
N ASN A 428 -18.44 -3.02 9.22
CA ASN A 428 -17.31 -2.14 9.47
C ASN A 428 -17.34 -1.53 10.86
N HIS A 429 -18.43 -1.73 11.61
CA HIS A 429 -18.56 -1.21 12.97
C HIS A 429 -19.34 -2.26 13.76
N ASP A 430 -18.70 -2.84 14.78
CA ASP A 430 -19.22 -4.05 15.42
C ASP A 430 -18.42 -4.36 16.68
N PRO A 431 -18.91 -5.25 17.57
CA PRO A 431 -18.05 -5.73 18.66
C PRO A 431 -16.83 -6.50 18.23
N ARG A 432 -16.58 -6.64 16.93
CA ARG A 432 -15.35 -7.28 16.48
C ARG A 432 -14.13 -6.59 17.07
N ARG A 433 -14.21 -5.27 17.29
CA ARG A 433 -13.09 -4.56 17.91
C ARG A 433 -12.78 -5.12 19.28
N ALA A 434 -13.81 -5.54 20.02
CA ALA A 434 -13.58 -6.17 21.33
C ALA A 434 -12.57 -7.30 21.22
N ALA A 435 -12.43 -7.92 20.05
CA ALA A 435 -11.51 -9.04 19.90
C ALA A 435 -10.06 -8.66 20.20
N GLU A 436 -9.76 -7.37 20.37
CA GLU A 436 -8.47 -7.00 20.95
C GLU A 436 -8.44 -7.33 22.44
N VAL A 437 -9.46 -6.87 23.18
CA VAL A 437 -9.62 -7.08 24.62
C VAL A 437 -8.29 -7.12 25.35
N LEU A 438 -7.45 -6.12 25.10
CA LEU A 438 -6.18 -5.98 25.82
C LEU A 438 -6.38 -5.08 27.04
N ALA A 439 -6.79 -3.82 26.81
CA ALA A 439 -7.05 -2.87 27.90
C ALA A 439 -5.76 -2.72 28.69
N GLY A 440 -5.74 -3.02 29.98
CA GLY A 440 -4.49 -3.04 30.72
C GLY A 440 -3.98 -1.69 31.16
N ARG A 441 -3.53 -0.86 30.20
CA ARG A 441 -3.00 0.44 30.55
C ARG A 441 -3.97 1.22 31.42
N GLY A 442 -5.25 1.22 31.04
CA GLY A 442 -6.28 1.81 31.85
C GLY A 442 -7.43 0.85 32.11
N GLY A 443 -7.40 -0.31 31.45
CA GLY A 443 -8.48 -1.26 31.60
C GLY A 443 -9.84 -0.71 31.25
N SER A 445 -11.88 -0.82 28.44
CA SER A 445 -12.70 -1.95 27.99
C SER A 445 -14.12 -1.45 27.72
N GLY A 446 -15.16 -2.07 28.27
CA GLY A 446 -16.54 -1.80 27.91
C GLY A 446 -16.88 -0.34 27.71
N THR A 447 -16.14 0.54 28.38
CA THR A 447 -16.32 1.97 28.13
C THR A 447 -16.09 2.31 26.67
N ILE A 448 -14.95 1.87 26.12
CA ILE A 448 -14.69 2.15 24.71
C ILE A 448 -15.63 1.34 23.82
N LEU A 449 -16.18 0.23 24.32
CA LEU A 449 -17.16 -0.51 23.54
C LEU A 449 -18.42 0.32 23.36
N GLY A 450 -18.94 0.88 24.44
CA GLY A 450 -20.04 1.83 24.31
C GLY A 450 -19.66 3.03 23.48
N LEU A 451 -18.46 3.58 23.73
CA LEU A 451 -17.93 4.71 23.00
C LEU A 451 -17.72 4.39 21.53
N LEU A 452 -17.80 3.12 21.15
CA LEU A 452 -17.75 2.69 19.76
C LEU A 452 -18.98 1.87 19.40
N ASP A 453 -20.04 1.98 20.20
CA ASP A 453 -21.27 1.25 19.94
C ASP A 453 -22.00 1.92 18.78
N PRO A 454 -23.14 1.42 18.39
CA PRO A 454 -23.85 2.01 17.24
C PRO A 454 -24.35 3.42 17.53
N ASP A 455 -25.47 3.79 16.92
CA ASP A 455 -25.99 5.14 17.12
C ASP A 455 -26.37 5.45 18.56
N PRO A 456 -26.96 4.54 19.35
CA PRO A 456 -27.31 4.91 20.72
C PRO A 456 -26.19 5.67 21.41
N ALA A 457 -24.94 5.38 21.04
CA ALA A 457 -23.77 6.08 21.54
C ALA A 457 -23.54 5.77 23.01
N ARG A 458 -24.57 5.26 23.70
CA ARG A 458 -24.51 5.14 25.15
C ARG A 458 -24.22 6.51 25.76
N ARG A 459 -24.57 7.56 25.02
CA ARG A 459 -24.24 8.93 25.39
C ARG A 459 -22.73 9.10 25.49
N ARG A 460 -22.03 8.65 24.46
CA ARG A 460 -20.58 8.55 24.53
C ARG A 460 -20.19 7.72 25.75
N ALA A 461 -20.92 6.64 25.97
CA ALA A 461 -20.85 5.88 27.21
C ALA A 461 -20.75 6.86 28.38
N ALA A 462 -21.81 7.65 28.52
CA ALA A 462 -21.94 8.58 29.61
C ALA A 462 -20.84 9.63 29.61
N ALA A 463 -20.31 9.96 28.43
CA ALA A 463 -19.17 10.86 28.32
C ALA A 463 -17.96 10.25 29.01
N ASP A 464 -17.64 9.00 28.66
CA ASP A 464 -16.70 8.21 29.44
C ASP A 464 -17.06 8.36 30.92
N ASP A 465 -18.37 8.25 31.17
CA ASP A 465 -18.91 8.39 32.53
C ASP A 465 -18.32 9.61 33.22
N ILE A 466 -18.42 10.75 32.55
CA ILE A 466 -17.99 12.03 33.09
C ILE A 466 -16.54 11.93 33.56
N ARG A 467 -15.67 11.40 32.70
CA ARG A 467 -14.24 11.26 33.03
C ARG A 467 -14.04 10.24 34.14
N ALA A 468 -14.81 9.15 34.08
CA ALA A 468 -14.77 8.02 34.99
C ALA A 468 -15.49 8.35 36.30
N GLY A 469 -16.04 9.55 36.45
CA GLY A 469 -16.78 9.87 37.65
C GLY A 469 -17.97 8.94 37.86
N ARG A 470 -18.78 8.76 36.82
CA ARG A 470 -19.93 7.89 36.94
C ARG A 470 -19.50 6.42 37.06
N PHE A 471 -18.65 5.94 36.16
CA PHE A 471 -18.22 4.54 36.12
C PHE A 471 -16.97 4.40 35.25
N THR A 472 -16.41 3.19 35.25
CA THR A 472 -15.39 2.76 34.30
C THR A 472 -15.45 1.24 34.23
N ASP A 473 -15.30 0.67 33.03
CA ASP A 473 -15.54 -0.75 32.82
C ASP A 473 -14.24 -1.54 32.86
N ALA A 474 -14.38 -2.85 32.98
CA ALA A 474 -13.27 -3.78 33.10
C ALA A 474 -13.32 -4.82 31.97
N PRO A 475 -12.17 -5.26 31.49
CA PRO A 475 -12.14 -6.17 30.33
C PRO A 475 -12.88 -7.47 30.63
N PRO A 476 -13.86 -7.84 29.80
CA PRO A 476 -14.52 -9.13 29.97
C PRO A 476 -14.42 -9.96 28.71
N PRO A 477 -13.23 -10.46 28.36
CA PRO A 477 -13.10 -11.26 27.15
C PRO A 477 -13.92 -12.53 27.27
N PRO A 478 -14.48 -13.01 26.16
CA PRO A 478 -15.25 -14.25 26.19
C PRO A 478 -14.33 -15.46 26.22
N PRO A 479 -14.89 -16.65 26.38
CA PRO A 479 -14.06 -17.86 26.37
C PRO A 479 -14.10 -18.52 25.00
N PRO A 480 -12.95 -18.90 24.44
CA PRO A 480 -12.98 -19.66 23.18
C PRO A 480 -13.84 -20.90 23.32
N SER A 481 -14.32 -21.41 22.18
CA SER A 481 -15.23 -22.53 22.16
C SER A 481 -14.51 -23.88 21.96
N ALA A 482 -13.22 -23.92 22.26
CA ALA A 482 -12.42 -25.16 22.26
C ALA A 482 -12.37 -25.71 20.84
N ARG A 483 -12.81 -26.95 20.59
CA ARG A 483 -12.70 -27.53 19.26
C ARG A 483 -13.44 -26.72 18.21
N GLN A 484 -14.42 -25.92 18.61
CA GLN A 484 -15.13 -25.08 17.65
C GLN A 484 -14.21 -24.07 16.99
N ARG A 485 -13.09 -23.72 17.64
CA ARG A 485 -12.02 -22.99 16.96
C ARG A 485 -11.77 -23.61 15.59
N ALA A 486 -11.55 -24.92 15.56
CA ALA A 486 -11.32 -25.60 14.30
C ALA A 486 -12.41 -25.25 13.30
N ARG A 487 -13.67 -25.38 13.71
CA ARG A 487 -14.79 -24.95 12.88
C ARG A 487 -14.46 -23.58 12.28
N ARG A 488 -14.25 -22.59 13.14
CA ARG A 488 -13.87 -21.26 12.68
C ARG A 488 -12.75 -21.36 11.64
N LEU A 489 -11.61 -21.93 12.04
CA LEU A 489 -10.48 -22.05 11.12
C LEU A 489 -10.95 -22.64 9.80
N ALA A 490 -11.63 -23.79 9.84
CA ALA A 490 -12.13 -24.40 8.62
C ALA A 490 -12.87 -23.37 7.78
N ALA A 491 -13.91 -22.77 8.37
CA ALA A 491 -14.67 -21.75 7.67
C ALA A 491 -13.74 -20.76 6.98
N ALA A 492 -12.83 -20.18 7.76
CA ALA A 492 -11.90 -19.20 7.20
C ALA A 492 -11.31 -19.72 5.90
N ILE A 493 -10.57 -20.84 5.98
CA ILE A 493 -9.92 -21.36 4.80
C ILE A 493 -10.94 -21.50 3.69
N ALA A 494 -12.07 -22.17 3.99
CA ALA A 494 -13.11 -22.34 3.00
C ALA A 494 -13.41 -21.02 2.32
N HIS A 495 -13.83 -20.02 3.10
CA HIS A 495 -14.18 -18.75 2.48
C HIS A 495 -12.99 -18.18 1.73
N SER A 496 -11.80 -18.20 2.37
CA SER A 496 -10.62 -17.68 1.70
C SER A 496 -10.47 -18.32 0.32
N LEU A 497 -10.66 -19.63 0.23
CA LEU A 497 -10.55 -20.30 -1.06
C LEU A 497 -11.49 -19.65 -2.08
N THR A 498 -12.77 -19.53 -1.72
CA THR A 498 -13.71 -18.90 -2.65
C THR A 498 -13.25 -17.49 -2.99
N GLU A 499 -12.79 -16.73 -1.98
CA GLU A 499 -12.29 -15.38 -2.24
C GLU A 499 -11.15 -15.43 -3.25
N LEU A 500 -10.21 -16.37 -3.06
CA LEU A 500 -9.13 -16.51 -4.03
C LEU A 500 -9.69 -16.69 -5.43
N SER A 501 -10.69 -17.55 -5.58
CA SER A 501 -11.27 -17.80 -6.90
C SER A 501 -11.76 -16.51 -7.53
N ARG A 502 -12.30 -15.60 -6.72
CA ARG A 502 -12.70 -14.30 -7.25
C ARG A 502 -11.47 -13.53 -7.73
N HIS A 503 -10.49 -13.35 -6.84
CA HIS A 503 -9.31 -12.57 -7.19
C HIS A 503 -8.68 -13.12 -8.46
N ALA A 504 -8.49 -14.44 -8.51
CA ALA A 504 -7.89 -15.07 -9.69
C ALA A 504 -8.65 -14.70 -10.96
N ALA A 505 -9.98 -14.73 -10.90
CA ALA A 505 -10.75 -14.33 -12.07
C ALA A 505 -10.51 -12.86 -12.40
N ASP A 506 -10.50 -12.00 -11.38
CA ASP A 506 -10.22 -10.58 -11.60
C ASP A 506 -8.84 -10.41 -12.22
N LEU A 507 -7.88 -11.25 -11.82
CA LEU A 507 -6.53 -11.15 -12.37
C LEU A 507 -6.54 -11.52 -13.85
N SER A 509 -8.91 -11.94 -16.08
CA SER A 509 -9.78 -11.20 -17.00
C SER A 509 -9.27 -9.81 -17.30
N GLY A 510 -8.13 -9.42 -16.73
CA GLY A 510 -7.56 -8.10 -16.96
C GLY A 510 -8.27 -6.97 -16.25
N LYS A 511 -9.11 -7.27 -15.26
CA LYS A 511 -9.83 -6.24 -14.55
C LYS A 511 -8.87 -5.15 -14.06
N ASP A 512 -7.85 -5.55 -13.33
CA ASP A 512 -6.94 -4.61 -12.69
C ASP A 512 -5.78 -4.19 -13.59
N PHE A 513 -5.85 -4.45 -14.88
CA PHE A 513 -4.75 -4.12 -15.79
C PHE A 513 -4.90 -2.70 -16.35
N THR A 514 -4.93 -1.74 -15.43
CA THR A 514 -5.12 -0.34 -15.77
C THR A 514 -4.22 0.53 -14.90
N GLY A 515 -3.83 1.69 -15.44
CA GLY A 515 -3.09 2.68 -14.69
C GLY A 515 -1.61 2.69 -15.04
N GLY A 516 -0.91 3.62 -14.39
CA GLY A 516 0.51 3.81 -14.67
C GLY A 516 1.38 2.71 -14.11
N LEU A 517 0.95 2.05 -13.04
CA LEU A 517 1.66 0.92 -12.46
C LEU A 517 0.68 -0.22 -12.27
N VAL A 518 1.03 -1.38 -12.81
CA VAL A 518 0.21 -2.59 -12.69
C VAL A 518 1.05 -3.65 -11.98
N GLY A 519 0.52 -4.15 -10.86
CA GLY A 519 1.24 -5.17 -10.12
C GLY A 519 1.40 -6.43 -10.96
N SER A 520 2.56 -7.06 -10.82
CA SER A 520 2.88 -8.23 -11.63
C SER A 520 1.72 -9.23 -11.59
N PRO A 521 1.21 -9.66 -12.74
CA PRO A 521 0.17 -10.71 -12.75
C PRO A 521 0.68 -12.14 -12.76
N ILE A 522 1.97 -12.38 -12.47
CA ILE A 522 2.49 -13.74 -12.56
C ILE A 522 3.54 -14.08 -11.49
N ASN A 523 4.13 -13.06 -10.86
CA ASN A 523 5.23 -13.36 -9.97
C ASN A 523 4.74 -13.98 -8.66
N LEU A 524 5.68 -14.55 -7.92
CA LEU A 524 5.35 -15.14 -6.63
C LEU A 524 4.78 -14.08 -5.68
N TYR A 525 5.46 -12.94 -5.59
CA TYR A 525 5.15 -11.94 -4.58
C TYR A 525 3.67 -11.59 -4.59
N ARG A 526 3.14 -11.22 -5.74
CA ARG A 526 1.77 -10.73 -5.83
C ARG A 526 0.98 -11.32 -6.97
N GLY A 527 1.58 -12.17 -7.81
CA GLY A 527 0.96 -12.62 -9.03
C GLY A 527 0.40 -14.02 -8.93
N ALA A 528 0.15 -14.61 -10.10
CA ALA A 528 -0.58 -15.88 -10.18
C ALA A 528 0.20 -17.02 -9.55
N ALA A 529 1.53 -17.03 -9.71
CA ALA A 529 2.31 -18.16 -9.22
C ALA A 529 2.15 -18.32 -7.71
N GLY A 530 2.15 -17.21 -6.97
CA GLY A 530 2.01 -17.31 -5.53
C GLY A 530 0.70 -17.98 -5.13
N GLY A 532 -1.38 -19.81 -7.10
CA GLY A 532 -1.51 -21.15 -7.64
C GLY A 532 -0.86 -22.19 -6.76
N GLU A 534 -0.35 -22.32 -3.62
CA GLU A 534 -1.16 -22.64 -2.45
C GLU A 534 -2.40 -23.43 -2.87
N LEU A 535 -3.12 -22.95 -3.89
CA LEU A 535 -4.33 -23.64 -4.34
C LEU A 535 -4.06 -25.07 -4.79
N LEU A 536 -2.82 -25.38 -5.14
CA LEU A 536 -2.48 -26.76 -5.50
C LEU A 536 -2.62 -27.70 -4.31
N ARG A 537 -2.39 -27.19 -3.10
CA ARG A 537 -2.41 -28.01 -1.89
C ARG A 537 -3.80 -28.14 -1.29
N HIS A 538 -4.85 -27.79 -2.04
CA HIS A 538 -6.20 -27.84 -1.50
C HIS A 538 -7.10 -28.78 -2.31
N ASP A 539 -8.39 -28.46 -2.36
CA ASP A 539 -9.39 -29.32 -2.97
C ASP A 539 -9.27 -29.33 -4.50
N GLU A 540 -9.90 -30.33 -5.11
CA GLU A 540 -9.80 -30.48 -6.55
C GLU A 540 -10.30 -29.26 -7.32
N PRO A 541 -11.36 -28.58 -6.91
CA PRO A 541 -11.69 -27.30 -7.57
C PRO A 541 -10.56 -26.28 -7.47
N SER A 542 -9.98 -26.08 -6.29
CA SER A 542 -8.88 -25.13 -6.17
C SER A 542 -7.68 -25.58 -6.99
N ARG A 543 -7.47 -26.89 -7.11
CA ARG A 543 -6.40 -27.38 -7.96
C ARG A 543 -6.67 -27.06 -9.42
N ALA A 544 -7.93 -27.17 -9.86
CA ALA A 544 -8.27 -26.79 -11.22
C ALA A 544 -8.03 -25.30 -11.45
N LEU A 545 -8.34 -24.48 -10.45
CA LEU A 545 -8.04 -23.05 -10.57
C LEU A 545 -6.54 -22.82 -10.72
N ALA A 546 -5.74 -23.57 -9.96
CA ALA A 546 -4.29 -23.45 -10.08
C ALA A 546 -3.82 -23.94 -11.46
N ARG A 547 -4.47 -24.97 -12.01
CA ARG A 547 -4.12 -25.44 -13.35
C ARG A 547 -4.38 -24.33 -14.38
N GLY A 548 -5.57 -23.74 -14.33
CA GLY A 548 -5.85 -22.62 -15.20
C GLY A 548 -4.85 -21.48 -15.03
N LEU A 549 -4.50 -21.18 -13.78
CA LEU A 549 -3.52 -20.12 -13.52
C LEU A 549 -2.17 -20.47 -14.13
N ALA A 550 -1.78 -21.74 -14.08
CA ALA A 550 -0.52 -22.16 -14.67
C ALA A 550 -0.53 -21.90 -16.18
N TYR A 551 -1.57 -22.35 -16.86
CA TYR A 551 -1.61 -22.15 -18.31
C TYR A 551 -1.67 -20.68 -18.67
N TRP A 552 -2.44 -19.89 -17.90
CA TRP A 552 -2.55 -18.46 -18.15
C TRP A 552 -1.21 -17.76 -17.96
N THR A 553 -0.47 -18.13 -16.92
CA THR A 553 0.85 -17.59 -16.71
C THR A 553 1.77 -17.94 -17.88
N GLY A 554 1.77 -19.21 -18.30
CA GLY A 554 2.58 -19.60 -19.43
C GLY A 554 2.31 -18.73 -20.65
N GLY A 555 1.03 -18.53 -20.96
CA GLY A 555 0.69 -17.67 -22.09
C GLY A 555 1.19 -16.25 -21.91
N PHE A 556 0.94 -15.68 -20.73
CA PHE A 556 1.33 -14.29 -20.50
C PHE A 556 2.84 -14.10 -20.61
N ARG A 557 3.61 -15.10 -20.19
CA ARG A 557 5.06 -14.95 -20.15
C ARG A 557 5.70 -15.05 -21.53
N ALA A 558 4.99 -15.60 -22.51
CA ALA A 558 5.60 -15.81 -23.82
C ALA A 558 5.77 -14.47 -24.54
N LEU A 559 6.94 -14.30 -25.15
CA LEU A 559 7.25 -13.16 -26.00
C LEU A 559 7.03 -11.84 -25.27
N ARG A 560 7.71 -11.71 -24.14
CA ARG A 560 7.51 -10.56 -23.26
C ARG A 560 8.76 -10.42 -22.40
N ASN A 561 9.01 -9.21 -21.94
CA ASN A 561 10.16 -8.99 -21.08
C ASN A 561 9.90 -9.54 -19.68
N GLY A 562 10.99 -9.84 -18.98
CA GLY A 562 10.88 -10.40 -17.65
C GLY A 562 12.12 -10.12 -16.83
N ARG A 563 12.11 -10.62 -15.61
CA ARG A 563 13.22 -10.55 -14.67
C ARG A 563 13.47 -11.94 -14.11
N PRO A 564 14.70 -12.24 -13.70
CA PRO A 564 15.04 -13.61 -13.31
C PRO A 564 14.79 -13.97 -11.85
N GLY A 565 14.40 -13.03 -11.00
CA GLY A 565 14.30 -13.30 -9.58
C GLY A 565 13.34 -14.43 -9.26
N LEU A 566 13.39 -14.87 -7.99
CA LEU A 566 12.55 -15.93 -7.47
C LEU A 566 11.20 -15.39 -7.01
N TYR A 567 11.23 -14.38 -6.13
CA TYR A 567 10.00 -13.81 -5.59
C TYR A 567 9.35 -12.82 -6.54
N THR A 568 10.12 -12.24 -7.44
CA THR A 568 9.61 -11.26 -8.38
C THR A 568 9.59 -11.75 -9.82
N GLY A 569 10.29 -12.84 -10.13
CA GLY A 569 10.59 -13.15 -11.50
C GLY A 569 10.44 -14.60 -11.93
N ASP A 570 11.22 -14.97 -12.95
CA ASP A 570 10.97 -16.19 -13.69
C ASP A 570 11.13 -17.44 -12.85
N THR A 571 12.02 -17.42 -11.86
CA THR A 571 12.33 -18.66 -11.16
C THR A 571 11.13 -19.20 -10.40
N GLY A 572 10.47 -18.34 -9.62
CA GLY A 572 9.27 -18.77 -8.93
C GLY A 572 8.18 -19.21 -9.88
N ILE A 573 8.03 -18.49 -10.99
CA ILE A 573 7.03 -18.84 -12.00
C ILE A 573 7.28 -20.26 -12.52
N ALA A 574 8.51 -20.52 -12.94
CA ALA A 574 8.88 -21.84 -13.43
C ALA A 574 8.60 -22.90 -12.38
N VAL A 575 8.95 -22.61 -11.12
CA VAL A 575 8.67 -23.57 -10.06
C VAL A 575 7.18 -23.88 -10.01
N PHE A 576 6.36 -22.84 -10.04
CA PHE A 576 4.91 -23.05 -9.92
C PHE A 576 4.40 -23.92 -11.06
N ILE A 577 4.80 -23.59 -12.30
CA ILE A 577 4.28 -24.34 -13.44
C ILE A 577 4.75 -25.79 -13.40
N ALA A 578 6.01 -26.01 -13.06
CA ALA A 578 6.53 -27.37 -13.03
C ALA A 578 5.86 -28.20 -11.95
N GLU A 579 5.67 -27.62 -10.77
CA GLU A 579 5.02 -28.36 -9.69
C GLU A 579 3.56 -28.63 -10.02
N ALA A 580 2.89 -27.71 -10.72
CA ALA A 580 1.53 -27.99 -11.17
C ALA A 580 1.52 -29.15 -12.16
N GLY A 581 2.46 -29.15 -13.10
CA GLY A 581 2.58 -30.28 -14.01
C GLY A 581 2.82 -31.58 -13.28
N ALA A 582 3.55 -31.53 -12.16
CA ALA A 582 3.88 -32.75 -11.43
C ALA A 582 2.71 -33.28 -10.62
N THR A 583 2.16 -32.45 -9.72
CA THR A 583 1.10 -32.94 -8.84
C THR A 583 -0.19 -33.25 -9.61
N LEU A 584 -0.45 -32.54 -10.71
CA LEU A 584 -1.62 -32.79 -11.52
C LEU A 584 -1.38 -33.79 -12.63
N GLY A 585 -0.16 -34.26 -12.81
CA GLY A 585 0.16 -35.17 -13.89
C GLY A 585 -0.14 -34.59 -15.25
N ASP A 586 0.35 -33.37 -15.49
CA ASP A 586 0.12 -32.66 -16.75
C ASP A 586 1.46 -32.49 -17.46
N GLU A 587 1.71 -33.34 -18.46
CA GLU A 587 2.99 -33.31 -19.16
C GLU A 587 3.22 -31.97 -19.85
N THR A 588 2.16 -31.41 -20.46
CA THR A 588 2.33 -30.16 -21.20
C THR A 588 2.74 -29.02 -20.28
N LEU A 589 2.30 -29.04 -19.01
CA LEU A 589 2.77 -28.03 -18.07
C LEU A 589 4.27 -28.14 -17.85
N LEU A 590 4.77 -29.36 -17.66
CA LEU A 590 6.21 -29.56 -17.50
C LEU A 590 6.95 -29.10 -18.75
N LYS A 591 6.39 -29.33 -19.93
CA LYS A 591 7.03 -28.86 -21.16
C LYS A 591 7.04 -27.34 -21.24
N ILE A 592 6.01 -26.69 -20.72
CA ILE A 592 5.98 -25.22 -20.73
C ILE A 592 7.03 -24.67 -19.77
N ALA A 593 7.24 -25.36 -18.64
CA ALA A 593 8.20 -24.89 -17.66
C ALA A 593 9.65 -25.19 -18.04
N GLU A 594 9.87 -26.20 -18.87
CA GLU A 594 11.23 -26.66 -19.17
C GLU A 594 12.18 -25.52 -19.57
N PRO A 595 11.83 -24.62 -20.49
CA PRO A 595 12.80 -23.58 -20.91
C PRO A 595 12.69 -22.25 -20.18
N LEU A 596 11.94 -22.17 -19.08
CA LEU A 596 11.45 -20.87 -18.62
C LEU A 596 12.50 -20.10 -17.83
N ALA A 597 13.14 -20.72 -16.84
CA ALA A 597 14.03 -20.02 -15.93
C ALA A 597 15.45 -20.53 -16.14
N ARG A 598 16.10 -20.02 -17.19
CA ARG A 598 17.48 -20.35 -17.51
C ARG A 598 18.17 -19.03 -17.85
N PRO A 599 18.45 -18.21 -16.84
CA PRO A 599 19.01 -16.88 -17.08
C PRO A 599 20.52 -16.95 -17.32
N VAL A 600 21.07 -15.79 -17.68
CA VAL A 600 22.51 -15.61 -17.86
C VAL A 600 23.02 -15.02 -16.55
N LEU A 601 23.52 -15.87 -15.66
CA LEU A 601 23.89 -15.42 -14.32
C LEU A 601 24.97 -14.34 -14.34
N SER A 602 25.79 -14.30 -15.38
CA SER A 602 26.83 -13.28 -15.46
C SER A 602 26.24 -11.88 -15.36
N ARG A 603 25.04 -11.67 -15.91
CA ARG A 603 24.41 -10.35 -15.84
C ARG A 603 23.88 -10.07 -14.44
N ILE A 604 23.46 -11.11 -13.72
CA ILE A 604 22.89 -10.91 -12.39
C ILE A 604 23.98 -10.49 -11.41
N THR A 605 23.71 -9.42 -10.68
CA THR A 605 24.63 -8.92 -9.66
C THR A 605 24.08 -9.03 -8.25
N ALA A 606 22.76 -9.01 -8.07
CA ALA A 606 22.19 -9.08 -6.74
C ALA A 606 22.43 -10.47 -6.13
N THR A 607 22.50 -10.50 -4.80
CA THR A 607 22.77 -11.72 -4.04
C THR A 607 21.69 -11.77 -2.98
N ASP A 608 20.51 -12.20 -3.39
CA ASP A 608 19.32 -12.00 -2.60
C ASP A 608 18.32 -13.10 -2.91
N GLN A 609 17.58 -13.52 -1.89
CA GLN A 609 16.51 -14.47 -2.12
C GLN A 609 15.41 -13.85 -2.98
N HIS A 610 15.07 -12.59 -2.70
CA HIS A 610 13.96 -11.94 -3.38
C HIS A 610 14.20 -11.84 -4.88
N THR A 611 15.37 -11.30 -5.27
CA THR A 611 15.68 -11.04 -6.68
C THR A 611 17.02 -11.57 -7.14
N GLY A 612 17.94 -11.90 -6.22
CA GLY A 612 19.32 -12.15 -6.56
C GLY A 612 19.66 -13.62 -6.69
N LEU A 613 20.96 -13.91 -6.62
CA LEU A 613 21.45 -15.24 -6.96
C LEU A 613 21.00 -16.29 -5.96
N ALA A 614 20.82 -15.91 -4.69
CA ALA A 614 20.41 -16.89 -3.69
C ALA A 614 19.03 -17.45 -4.00
N GLY A 615 18.06 -16.58 -4.28
CA GLY A 615 16.73 -17.04 -4.61
C GLY A 615 16.71 -17.85 -5.89
N ILE A 616 17.48 -17.42 -6.89
CA ILE A 616 17.58 -18.19 -8.12
C ILE A 616 18.11 -19.58 -7.84
N GLY A 617 19.16 -19.67 -7.01
CA GLY A 617 19.71 -20.97 -6.69
C GLY A 617 18.70 -21.89 -6.02
N THR A 618 17.98 -21.35 -5.03
CA THR A 618 16.99 -22.17 -4.33
C THR A 618 15.89 -22.63 -5.28
N GLY A 619 15.40 -21.73 -6.13
CA GLY A 619 14.35 -22.11 -7.08
C GLY A 619 14.83 -23.12 -8.10
N GLN A 620 16.07 -22.98 -8.56
CA GLN A 620 16.63 -23.96 -9.48
C GLN A 620 16.81 -25.31 -8.81
N LEU A 621 17.10 -25.33 -7.50
CA LEU A 621 17.19 -26.60 -6.79
C LEU A 621 15.81 -27.24 -6.65
N LEU A 622 14.78 -26.44 -6.40
CA LEU A 622 13.42 -26.99 -6.37
C LEU A 622 13.06 -27.59 -7.72
N LEU A 623 13.33 -26.84 -8.79
CA LEU A 623 13.07 -27.38 -10.13
C LEU A 623 13.91 -28.62 -10.40
N TRP A 624 15.14 -28.65 -9.90
CA TRP A 624 16.00 -29.81 -10.13
C TRP A 624 15.42 -31.04 -9.43
N ARG A 625 14.82 -30.85 -8.25
CA ARG A 625 14.22 -31.98 -7.54
C ARG A 625 12.97 -32.46 -8.25
N LEU A 626 12.19 -31.55 -8.83
CA LEU A 626 10.97 -31.98 -9.52
C LEU A 626 11.29 -32.58 -10.90
N THR A 627 12.05 -31.86 -11.71
CA THR A 627 12.31 -32.23 -13.09
C THR A 627 13.41 -33.27 -13.21
N LYS A 628 14.44 -33.18 -12.38
CA LYS A 628 15.67 -33.96 -12.48
C LYS A 628 16.52 -33.55 -13.68
N ASP A 629 16.36 -32.31 -14.15
CA ASP A 629 17.14 -31.79 -15.26
C ASP A 629 18.50 -31.31 -14.74
N ALA A 630 19.58 -31.86 -15.29
CA ALA A 630 20.91 -31.53 -14.79
C ALA A 630 21.20 -30.04 -14.91
N GLY A 631 20.72 -29.41 -15.98
CA GLY A 631 20.98 -28.00 -16.18
C GLY A 631 20.54 -27.14 -15.01
N ARG A 632 19.49 -27.57 -14.30
CA ARG A 632 19.01 -26.77 -13.18
C ARG A 632 19.98 -26.87 -12.00
N LEU A 633 20.49 -28.07 -11.73
CA LEU A 633 21.53 -28.20 -10.71
C LEU A 633 22.78 -27.43 -11.11
N GLU A 634 23.12 -27.42 -12.40
CA GLU A 634 24.27 -26.65 -12.85
C GLU A 634 24.04 -25.16 -12.62
N LEU A 635 22.81 -24.69 -12.85
CA LEU A 635 22.49 -23.30 -12.57
C LEU A 635 22.63 -22.98 -11.08
N ALA A 636 22.13 -23.87 -10.23
CA ALA A 636 22.29 -23.66 -8.78
C ALA A 636 23.76 -23.65 -8.41
N ASP A 637 24.55 -24.56 -8.97
CA ASP A 637 25.98 -24.60 -8.74
C ASP A 637 26.62 -23.28 -9.16
N ALA A 638 26.21 -22.74 -10.30
CA ALA A 638 26.77 -21.48 -10.78
C ALA A 638 26.40 -20.34 -9.84
N CYS A 639 25.14 -20.28 -9.41
CA CYS A 639 24.76 -19.33 -8.38
C CYS A 639 25.71 -19.44 -7.20
N ALA A 640 25.92 -20.66 -6.70
CA ALA A 640 26.72 -20.84 -5.50
C ALA A 640 28.16 -20.39 -5.71
N ARG A 641 28.73 -20.68 -6.88
CA ARG A 641 30.11 -20.28 -7.14
C ARG A 641 30.24 -18.76 -7.18
N ARG A 642 29.34 -18.09 -7.93
CA ARG A 642 29.38 -16.63 -7.99
C ARG A 642 29.16 -16.04 -6.60
N LEU A 643 28.34 -16.71 -5.77
CA LEU A 643 28.10 -16.22 -4.41
C LEU A 643 29.34 -16.39 -3.55
N LEU A 644 30.04 -17.53 -3.68
CA LEU A 644 31.25 -17.74 -2.89
C LEU A 644 32.34 -16.78 -3.28
N ALA A 645 32.35 -16.32 -4.53
CA ALA A 645 33.38 -15.37 -4.94
C ALA A 645 33.33 -14.10 -4.08
N ARG A 646 32.14 -13.64 -3.72
CA ARG A 646 31.95 -12.43 -2.94
C ARG A 646 31.76 -12.72 -1.44
N ASP A 647 32.45 -13.74 -0.91
CA ASP A 647 32.29 -14.08 0.51
C ASP A 647 32.84 -12.97 1.39
N LEU A 648 33.99 -12.39 1.03
CA LEU A 648 34.50 -11.25 1.77
C LEU A 648 33.57 -10.05 1.64
N THR A 649 32.95 -9.88 0.46
CA THR A 649 31.96 -8.81 0.30
C THR A 649 30.69 -9.09 1.09
N ALA A 650 30.49 -10.32 1.56
CA ALA A 650 29.41 -10.58 2.51
C ALA A 650 29.76 -10.06 3.90
N GLU A 651 31.06 -10.00 4.23
CA GLU A 651 31.53 -9.46 5.49
C GLU A 651 31.54 -7.94 5.38
N LEU A 652 30.52 -7.29 5.95
CA LEU A 652 30.42 -5.83 5.92
C LEU A 652 30.69 -5.30 7.33
N GLN A 653 31.60 -4.32 7.42
CA GLN A 653 31.95 -3.76 8.72
C GLN A 653 30.85 -2.84 9.24
N GLU A 654 30.18 -2.10 8.37
CA GLU A 654 29.14 -1.17 8.81
C GLU A 654 27.89 -1.92 9.22
N ASN A 655 27.31 -1.54 10.36
CA ASN A 655 26.19 -2.26 10.95
C ASN A 655 25.14 -1.27 11.45
N PRO A 656 23.86 -1.60 11.34
CA PRO A 656 22.82 -0.68 11.80
C PRO A 656 21.83 -1.37 12.72
N PRO A 657 22.24 -1.76 13.93
CA PRO A 657 21.28 -2.44 14.82
C PRO A 657 20.03 -1.63 15.08
N ASP A 658 20.15 -0.31 15.13
CA ASP A 658 19.00 0.56 15.21
C ASP A 658 18.34 0.68 13.83
N TYR A 659 17.01 0.80 13.84
CA TYR A 659 16.28 1.07 12.61
C TYR A 659 16.47 2.49 12.11
N ALA A 660 17.27 3.30 12.81
CA ALA A 660 17.48 4.68 12.42
C ALA A 660 18.00 4.77 10.98
N ASP A 661 17.50 5.76 10.24
CA ASP A 661 17.78 5.90 8.80
C ASP A 661 17.45 4.54 8.17
N CYS A 662 18.36 3.93 7.43
CA CYS A 662 18.08 2.64 6.78
C CYS A 662 18.20 1.53 7.80
N GLY A 663 17.09 0.89 8.12
CA GLY A 663 17.13 -0.29 8.96
C GLY A 663 17.78 -1.42 8.19
N ALA A 664 19.08 -1.27 7.90
CA ALA A 664 19.77 -2.25 7.07
C ALA A 664 19.92 -3.57 7.76
N VAL A 665 19.24 -3.79 8.88
CA VAL A 665 19.06 -5.16 9.35
C VAL A 665 18.45 -6.00 8.24
N SER A 666 17.51 -5.42 7.48
CA SER A 666 16.91 -6.12 6.35
C SER A 666 17.90 -6.24 5.20
N ARG A 667 18.68 -5.18 4.95
CA ARG A 667 19.62 -5.15 3.84
C ARG A 667 20.88 -5.96 4.10
N THR A 668 21.06 -6.44 5.32
CA THR A 668 22.26 -7.16 5.73
C THR A 668 21.96 -8.54 6.29
N LEU A 669 20.94 -8.66 7.14
CA LEU A 669 20.67 -9.89 7.85
C LEU A 669 19.34 -10.55 7.51
N GLY A 670 18.39 -9.82 6.91
CA GLY A 670 17.09 -10.39 6.65
C GLY A 670 17.13 -11.51 5.64
N PHE A 671 16.08 -12.34 5.66
CA PHE A 671 15.99 -13.44 4.71
C PHE A 671 15.99 -12.90 3.28
N ALA A 672 15.24 -11.84 3.03
CA ALA A 672 15.31 -11.13 1.78
C ALA A 672 16.34 -10.00 1.89
N HIS A 673 17.13 -9.83 0.83
CA HIS A 673 18.10 -8.75 0.71
C HIS A 673 19.29 -8.94 1.65
N GLY A 674 19.22 -9.92 2.55
CA GLY A 674 20.22 -10.05 3.58
C GLY A 674 20.96 -11.38 3.61
N LEU A 675 21.75 -11.59 4.66
CA LEU A 675 22.60 -12.78 4.72
C LEU A 675 21.80 -14.04 5.07
N ALA A 676 20.67 -13.89 5.75
CA ALA A 676 19.93 -15.09 6.17
C ALA A 676 19.50 -15.91 4.97
N GLY A 677 19.00 -15.27 3.91
CA GLY A 677 18.61 -16.01 2.73
C GLY A 677 19.79 -16.60 2.00
N ILE A 678 20.91 -15.88 1.96
CA ILE A 678 22.14 -16.41 1.38
C ILE A 678 22.53 -17.70 2.08
N VAL A 679 22.57 -17.64 3.41
CA VAL A 679 22.85 -18.83 4.21
C VAL A 679 21.86 -19.93 3.89
N HIS A 680 20.59 -19.56 3.74
CA HIS A 680 19.56 -20.55 3.44
C HIS A 680 19.89 -21.30 2.16
N PHE A 681 20.24 -20.55 1.11
CA PHE A 681 20.55 -21.21 -0.16
C PHE A 681 21.81 -22.04 -0.06
N LEU A 682 22.83 -21.54 0.63
CA LEU A 682 24.05 -22.33 0.77
C LEU A 682 23.77 -23.63 1.51
N ARG A 683 22.92 -23.58 2.53
CA ARG A 683 22.52 -24.79 3.24
C ARG A 683 21.83 -25.76 2.30
N ASP A 684 20.89 -25.26 1.49
CA ASP A 684 20.21 -26.12 0.53
C ASP A 684 21.21 -26.76 -0.44
N HIS A 685 22.17 -25.97 -0.92
CA HIS A 685 23.15 -26.47 -1.87
C HIS A 685 24.02 -27.55 -1.27
N HIS A 686 24.48 -27.34 -0.03
CA HIS A 686 25.25 -28.38 0.65
C HIS A 686 24.43 -29.64 0.84
N ALA A 687 23.14 -29.48 1.21
CA ALA A 687 22.28 -30.63 1.41
C ALA A 687 22.08 -31.41 0.12
N ALA A 688 22.13 -30.73 -1.02
CA ALA A 688 21.91 -31.43 -2.28
C ALA A 688 23.20 -32.06 -2.83
N THR A 689 24.30 -31.30 -2.81
CA THR A 689 25.56 -31.75 -3.37
C THR A 689 26.52 -32.30 -2.32
N GLY A 690 26.67 -31.58 -1.21
CA GLY A 690 27.69 -31.89 -0.23
C GLY A 690 29.02 -31.22 -0.46
N GLU A 691 29.10 -30.28 -1.40
CA GLU A 691 30.35 -29.61 -1.70
C GLU A 691 30.89 -28.90 -0.47
N THR A 692 32.18 -29.08 -0.20
CA THR A 692 32.79 -28.55 1.02
C THR A 692 32.91 -27.04 0.98
N ALA A 693 33.14 -26.45 -0.20
CA ALA A 693 33.26 -25.00 -0.30
C ALA A 693 32.02 -24.30 0.24
N THR A 694 30.85 -24.77 -0.20
CA THR A 694 29.60 -24.23 0.32
C THR A 694 29.55 -24.38 1.83
N GLU A 695 30.09 -25.48 2.37
CA GLU A 695 30.06 -25.69 3.81
C GLU A 695 30.87 -24.63 4.54
N ALA A 696 32.08 -24.35 4.04
CA ALA A 696 32.90 -23.32 4.67
C ALA A 696 32.19 -21.97 4.67
N ALA A 697 31.71 -21.55 3.50
CA ALA A 697 31.03 -20.26 3.45
C ALA A 697 29.78 -20.26 4.33
N LEU A 698 29.09 -21.39 4.41
CA LEU A 698 27.89 -21.48 5.24
C LEU A 698 28.21 -21.26 6.70
N HIS A 699 29.24 -21.96 7.21
CA HIS A 699 29.63 -21.76 8.59
C HIS A 699 30.03 -20.31 8.84
N LYS A 700 30.78 -19.72 7.90
CA LYS A 700 31.21 -18.33 8.10
C LYS A 700 30.01 -17.39 8.19
N GLY A 701 29.06 -17.53 7.26
CA GLY A 701 27.89 -16.67 7.30
C GLY A 701 27.05 -16.89 8.53
N CYS A 702 26.88 -18.15 8.94
CA CYS A 702 26.11 -18.44 10.15
C CYS A 702 26.76 -17.77 11.35
N ASP A 703 28.09 -17.90 11.48
CA ASP A 703 28.79 -17.27 12.59
C ASP A 703 28.58 -15.76 12.58
N THR A 704 28.68 -15.14 11.41
CA THR A 704 28.51 -13.69 11.33
C THR A 704 27.10 -13.27 11.76
N LEU A 705 26.09 -14.00 11.28
CA LEU A 705 24.72 -13.74 11.70
C LEU A 705 24.60 -13.83 13.22
N LEU A 706 25.15 -14.89 13.82
CA LEU A 706 25.06 -15.05 15.26
C LEU A 706 25.78 -13.93 15.99
N GLU A 707 26.87 -13.43 15.41
CA GLU A 707 27.58 -12.30 16.03
C GLU A 707 26.68 -11.07 16.08
N HIS A 708 25.97 -10.78 15.00
CA HIS A 708 25.13 -9.58 14.96
C HIS A 708 23.72 -9.79 15.48
N LEU A 709 23.39 -11.00 15.96
CA LEU A 709 22.03 -11.25 16.44
C LEU A 709 21.71 -10.54 17.76
N PRO A 710 22.56 -10.58 18.78
CA PRO A 710 22.17 -10.06 20.11
C PRO A 710 21.68 -8.63 20.05
N PRO A 711 22.35 -7.75 19.28
CA PRO A 711 21.89 -6.35 19.26
C PRO A 711 20.46 -6.18 18.77
N LEU A 712 20.13 -6.75 17.61
CA LEU A 712 18.77 -6.61 17.12
C LEU A 712 17.78 -7.35 18.01
N LEU A 713 18.22 -8.40 18.70
CA LEU A 713 17.35 -9.00 19.70
C LEU A 713 16.99 -7.99 20.78
N GLU A 714 17.99 -7.29 21.31
CA GLU A 714 17.73 -6.27 22.32
C GLU A 714 16.82 -5.18 21.76
N ALA A 715 17.04 -4.77 20.52
CA ALA A 715 16.18 -3.77 19.91
C ALA A 715 14.74 -4.27 19.82
N ALA A 716 14.56 -5.56 19.51
CA ALA A 716 13.22 -6.11 19.42
C ALA A 716 12.55 -6.15 20.78
N ARG A 717 13.30 -6.46 21.83
CA ARG A 717 12.73 -6.55 23.16
C ARG A 717 12.41 -5.20 23.75
N ALA A 718 13.03 -4.13 23.27
CA ALA A 718 12.74 -2.80 23.78
C ALA A 718 11.28 -2.43 23.50
N VAL A 719 10.81 -1.40 24.20
CA VAL A 719 9.46 -0.91 23.98
C VAL A 719 9.37 -0.17 22.64
N SER A 720 10.44 0.55 22.27
CA SER A 720 10.47 1.30 21.02
C SER A 720 10.47 0.41 19.79
N ALA A 721 10.50 -0.91 19.97
CA ALA A 721 10.58 -1.81 18.84
C ALA A 721 9.45 -1.55 17.86
N LYS A 722 9.70 -1.88 16.59
CA LYS A 722 8.75 -1.77 15.50
C LYS A 722 8.47 -3.14 14.93
N PRO A 723 7.30 -3.36 14.34
CA PRO A 723 7.01 -4.66 13.74
C PRO A 723 8.05 -5.12 12.71
N HIS A 725 11.11 -5.40 13.08
CA HIS A 725 12.10 -6.26 13.71
C HIS A 725 11.65 -7.72 13.71
N ALA A 726 10.35 -7.98 13.73
CA ALA A 726 9.85 -9.34 13.75
C ALA A 726 9.42 -9.85 12.38
N SER A 727 9.41 -8.99 11.36
CA SER A 727 8.93 -9.40 10.05
C SER A 727 9.77 -10.54 9.49
N PHE A 728 9.11 -11.42 8.74
CA PHE A 728 9.85 -12.49 8.07
C PHE A 728 10.81 -11.91 7.04
N CYS A 729 10.30 -11.08 6.12
CA CYS A 729 11.11 -10.55 5.04
C CYS A 729 12.33 -9.81 5.59
N GLN A 730 12.12 -8.96 6.59
CA GLN A 730 13.15 -8.02 7.03
C GLN A 730 13.68 -8.28 8.43
N GLY A 731 13.07 -9.19 9.18
CA GLY A 731 13.38 -9.28 10.60
C GLY A 731 13.59 -10.66 11.16
N LEU A 732 13.24 -10.80 12.45
CA LEU A 732 13.65 -11.97 13.21
C LEU A 732 13.04 -13.26 12.67
N ALA A 733 11.80 -13.21 12.18
CA ALA A 733 11.16 -14.43 11.73
C ALA A 733 11.95 -15.09 10.60
N GLY A 734 12.41 -14.29 9.63
CA GLY A 734 13.19 -14.86 8.54
C GLY A 734 14.53 -15.37 9.00
N ILE A 735 15.25 -14.54 9.76
CA ILE A 735 16.54 -14.95 10.33
C ILE A 735 16.39 -16.28 11.05
N GLY A 736 15.32 -16.42 11.84
CA GLY A 736 15.16 -17.59 12.67
C GLY A 736 14.76 -18.83 11.89
N ALA A 737 13.92 -18.66 10.87
CA ALA A 737 13.65 -19.76 9.95
C ALA A 737 14.94 -20.29 9.34
N ALA A 738 15.75 -19.39 8.78
CA ALA A 738 17.03 -19.79 8.22
C ALA A 738 17.88 -20.53 9.25
N LEU A 739 18.06 -19.95 10.43
CA LEU A 739 18.95 -20.54 11.42
C LEU A 739 18.41 -21.85 11.96
N ALA A 740 17.09 -22.04 11.98
CA ALA A 740 16.54 -23.32 12.42
C ALA A 740 16.88 -24.41 11.43
N ARG A 741 16.70 -24.14 10.13
CA ARG A 741 17.07 -25.14 9.15
C ARG A 741 18.57 -25.42 9.20
N THR A 742 19.39 -24.39 9.45
CA THR A 742 20.83 -24.62 9.56
C THR A 742 21.16 -25.48 10.77
N GLY A 743 20.56 -25.16 11.93
CA GLY A 743 20.81 -25.94 13.12
C GLY A 743 20.46 -27.41 12.92
N ARG A 744 19.36 -27.68 12.24
CA ARG A 744 19.00 -29.07 11.96
C ARG A 744 20.03 -29.71 11.03
N ASP A 745 20.23 -29.13 9.85
CA ASP A 745 21.01 -29.81 8.82
C ASP A 745 22.48 -29.92 9.17
N LEU A 746 23.02 -28.91 9.87
CA LEU A 746 24.43 -28.89 10.25
C LEU A 746 24.70 -29.57 11.59
N GLY A 747 23.65 -29.87 12.36
CA GLY A 747 23.82 -30.48 13.66
C GLY A 747 24.03 -29.51 14.80
N ALA A 748 24.22 -28.22 14.51
CA ALA A 748 24.44 -27.24 15.56
C ALA A 748 23.16 -26.98 16.34
N ASP A 749 23.29 -26.83 17.66
CA ASP A 749 22.17 -26.47 18.51
C ASP A 749 22.21 -25.02 18.98
N ASP A 750 23.32 -24.32 18.77
CA ASP A 750 23.33 -22.88 19.03
C ASP A 750 22.43 -22.16 18.03
N HIS A 751 22.39 -22.65 16.79
CA HIS A 751 21.50 -22.06 15.78
C HIS A 751 20.05 -22.21 16.18
N LEU A 752 19.66 -23.42 16.57
CA LEU A 752 18.27 -23.66 16.96
C LEU A 752 17.90 -22.79 18.16
N GLN A 753 18.83 -22.60 19.10
CA GLN A 753 18.54 -21.76 20.26
C GLN A 753 18.39 -20.30 19.84
N ALA A 754 19.24 -19.84 18.92
CA ALA A 754 19.05 -18.51 18.37
C ALA A 754 17.65 -18.36 17.78
N ALA A 755 17.21 -19.38 17.03
CA ALA A 755 15.87 -19.35 16.45
C ALA A 755 14.81 -19.32 17.55
N ARG A 756 15.03 -20.05 18.64
CA ARG A 756 14.06 -20.05 19.73
C ARG A 756 13.91 -18.66 20.34
N GLU A 757 15.06 -18.00 20.60
CA GLU A 757 14.99 -16.66 21.16
C GLU A 757 14.35 -15.68 20.18
N ALA A 758 14.70 -15.79 18.90
CA ALA A 758 14.04 -14.98 17.88
C ALA A 758 12.52 -15.19 17.94
N ALA A 759 12.09 -16.45 18.04
CA ALA A 759 10.67 -16.76 18.08
C ALA A 759 10.00 -16.13 19.29
N ALA A 760 10.68 -16.12 20.44
CA ALA A 760 10.11 -15.49 21.63
C ALA A 760 9.91 -13.99 21.39
N ALA A 761 10.94 -13.32 20.87
CA ALA A 761 10.79 -11.91 20.54
C ALA A 761 9.61 -11.69 19.60
N CYS A 762 9.50 -12.53 18.57
CA CYS A 762 8.41 -12.38 17.62
C CYS A 762 7.05 -12.55 18.29
N LEU A 763 6.94 -13.53 19.20
CA LEU A 763 5.69 -13.74 19.92
C LEU A 763 5.31 -12.50 20.69
N GLU A 764 6.29 -11.82 21.28
CA GLU A 764 5.97 -10.60 22.03
C GLU A 764 5.55 -9.47 21.09
N LEU A 765 6.18 -9.37 19.91
CA LEU A 765 5.84 -8.29 18.99
C LEU A 765 4.63 -8.59 18.13
N ALA A 766 4.11 -9.82 18.16
CA ALA A 766 3.02 -10.18 17.25
C ALA A 766 1.75 -9.37 17.44
N PRO A 767 1.27 -9.10 18.66
CA PRO A 767 -0.03 -8.40 18.79
C PRO A 767 -0.02 -6.96 18.31
N ARG A 768 1.14 -6.38 18.00
CA ARG A 768 1.23 -5.02 17.47
C ARG A 768 1.69 -5.00 16.02
N TYR A 770 1.43 -4.70 12.11
CA TYR A 770 0.52 -3.91 11.31
C TYR A 770 -0.26 -4.78 10.33
N ALA A 771 0.42 -5.69 9.65
CA ALA A 771 -0.18 -6.50 8.61
C ALA A 771 -0.31 -7.94 9.08
N LEU A 772 -1.16 -8.68 8.37
CA LEU A 772 -1.42 -10.08 8.62
C LEU A 772 -0.68 -10.99 7.64
N THR A 773 0.13 -10.41 6.75
CA THR A 773 0.65 -11.14 5.61
C THR A 773 1.88 -11.96 6.00
N GLN A 774 2.43 -12.68 5.01
CA GLN A 774 3.63 -13.47 5.24
C GLN A 774 4.88 -12.59 5.28
N CYS A 775 5.01 -11.67 4.32
CA CYS A 775 6.24 -10.90 4.19
C CYS A 775 6.45 -9.98 5.38
N CYS A 776 5.44 -9.20 5.74
CA CYS A 776 5.58 -8.19 6.79
C CYS A 776 4.65 -8.43 7.98
N GLY A 777 3.96 -9.57 8.04
CA GLY A 777 2.91 -9.74 9.03
C GLY A 777 2.93 -11.04 9.81
N LEU A 778 1.78 -11.36 10.41
CA LEU A 778 1.70 -12.44 11.38
C LEU A 778 1.98 -13.80 10.76
N ALA A 779 1.65 -13.98 9.48
CA ALA A 779 1.78 -15.29 8.86
C ALA A 779 3.23 -15.79 8.91
N GLY A 780 4.20 -14.90 8.68
CA GLY A 780 5.59 -15.31 8.76
C GLY A 780 5.99 -15.72 10.17
N ILE A 781 5.51 -14.97 11.17
CA ILE A 781 5.75 -15.34 12.58
C ILE A 781 5.25 -16.75 12.84
N GLY A 782 3.98 -17.00 12.54
CA GLY A 782 3.41 -18.31 12.77
C GLY A 782 4.12 -19.40 12.00
N GLU A 783 4.58 -19.10 10.79
CA GLU A 783 5.30 -20.08 10.00
C GLU A 783 6.62 -20.45 10.67
N LEU A 784 7.31 -19.47 11.26
CA LEU A 784 8.49 -19.80 12.07
C LEU A 784 8.11 -20.74 13.22
N PHE A 785 7.02 -20.43 13.92
CA PHE A 785 6.62 -21.27 15.04
C PHE A 785 6.37 -22.71 14.58
N LEU A 786 5.66 -22.87 13.45
CA LEU A 786 5.38 -24.21 12.94
C LEU A 786 6.68 -24.92 12.54
N ASP A 787 7.62 -24.17 11.96
CA ASP A 787 8.92 -24.75 11.63
C ASP A 787 9.59 -25.31 12.88
N LEU A 788 9.57 -24.54 13.97
CA LEU A 788 10.24 -24.99 15.18
C LEU A 788 9.54 -26.22 15.77
N CYS A 789 8.20 -26.24 15.71
CA CYS A 789 7.49 -27.42 16.18
C CYS A 789 7.88 -28.66 15.38
N GLN A 790 8.02 -28.51 14.05
CA GLN A 790 8.36 -29.66 13.23
C GLN A 790 9.81 -30.10 13.41
N ILE A 791 10.73 -29.16 13.64
CA ILE A 791 12.13 -29.53 13.82
C ILE A 791 12.39 -30.01 15.25
N THR A 792 12.03 -29.19 16.23
CA THR A 792 12.29 -29.57 17.62
C THR A 792 11.34 -30.66 18.09
N GLY A 793 10.04 -30.43 17.93
CA GLY A 793 9.02 -31.30 18.47
C GLY A 793 8.25 -30.70 19.63
N ASP A 794 8.63 -29.51 20.07
CA ASP A 794 7.99 -28.85 21.20
C ASP A 794 6.64 -28.30 20.74
N ARG A 795 5.56 -28.93 21.19
CA ARG A 795 4.22 -28.45 20.86
C ARG A 795 3.97 -27.05 21.40
N THR A 796 4.88 -26.52 22.23
CA THR A 796 4.79 -25.14 22.67
C THR A 796 4.71 -24.18 21.49
N TYR A 797 5.59 -24.36 20.50
CA TYR A 797 5.56 -23.50 19.33
C TYR A 797 4.25 -23.67 18.56
N ALA A 798 3.65 -24.86 18.63
CA ALA A 798 2.33 -25.04 18.03
C ALA A 798 1.29 -24.19 18.77
N GLN A 799 1.40 -24.10 20.09
CA GLN A 799 0.50 -23.21 20.83
C GLN A 799 0.75 -21.75 20.44
N TRP A 800 2.02 -21.36 20.32
CA TRP A 800 2.35 -20.02 19.84
C TRP A 800 1.73 -19.76 18.48
N ALA A 801 1.82 -20.74 17.59
CA ALA A 801 1.24 -20.60 16.25
C ALA A 801 -0.28 -20.50 16.32
N ASP A 802 -0.90 -21.25 17.22
CA ASP A 802 -2.34 -21.14 17.40
C ASP A 802 -2.71 -19.73 17.86
N ARG A 803 -1.89 -19.14 18.73
CA ARG A 803 -2.14 -17.77 19.15
C ARG A 803 -2.01 -16.81 17.97
N ILE A 804 -1.03 -17.03 17.10
CA ILE A 804 -0.89 -16.19 15.92
C ILE A 804 -2.14 -16.30 15.05
N ALA A 805 -2.62 -17.53 14.84
CA ALA A 805 -3.82 -17.73 14.03
C ALA A 805 -5.04 -17.07 14.67
N ASP A 806 -5.11 -17.09 16.00
CA ASP A 806 -6.20 -16.41 16.70
C ASP A 806 -6.14 -14.91 16.47
N LEU A 807 -4.94 -14.33 16.57
CA LEU A 807 -4.77 -12.91 16.28
C LEU A 807 -5.20 -12.60 14.86
N ILE A 808 -4.86 -13.50 13.91
CA ILE A 808 -5.22 -13.28 12.51
C ILE A 808 -6.73 -13.28 12.35
N LEU A 809 -7.41 -14.28 12.92
CA LEU A 809 -8.86 -14.37 12.78
C LEU A 809 -9.56 -13.18 13.44
N ALA A 810 -8.99 -12.67 14.53
CA ALA A 810 -9.60 -11.51 15.19
C ALA A 810 -9.38 -10.24 14.37
N ARG A 811 -8.17 -10.04 13.85
CA ARG A 811 -7.86 -8.87 13.03
C ARG A 811 -8.49 -8.93 11.66
N ALA A 812 -9.18 -10.01 11.31
CA ALA A 812 -9.85 -10.10 10.03
C ALA A 812 -11.14 -9.30 10.04
N GLY A 813 -11.67 -9.07 8.84
CA GLY A 813 -12.92 -8.36 8.68
C GLY A 813 -13.96 -9.26 8.06
N GLY A 814 -15.09 -8.68 7.66
CA GLY A 814 -16.17 -9.55 7.24
C GLY A 814 -16.78 -10.23 8.44
N SER A 815 -17.39 -11.39 8.21
CA SER A 815 -18.16 -12.08 9.22
C SER A 815 -17.58 -13.45 9.52
N PRO A 816 -17.97 -14.06 10.64
CA PRO A 816 -17.65 -15.48 10.85
C PRO A 816 -18.31 -16.32 9.77
N GLU A 817 -17.61 -17.39 9.39
CA GLU A 817 -17.94 -18.24 8.24
C GLU A 817 -17.76 -17.49 6.93
N ALA A 818 -17.32 -16.23 6.97
CA ALA A 818 -16.99 -15.44 5.78
C ALA A 818 -16.00 -14.35 6.19
N PRO A 819 -14.79 -14.73 6.64
CA PRO A 819 -13.79 -13.71 6.98
C PRO A 819 -12.97 -13.28 5.78
N VAL A 820 -12.70 -11.98 5.73
CA VAL A 820 -11.92 -11.38 4.67
C VAL A 820 -10.67 -10.78 5.31
N PHE A 821 -9.54 -10.91 4.64
CA PHE A 821 -8.29 -10.50 5.25
C PHE A 821 -7.76 -9.24 4.60
N PRO A 822 -7.45 -8.21 5.39
CA PRO A 822 -6.88 -7.00 4.79
C PRO A 822 -5.46 -7.24 4.30
N ASP A 823 -5.12 -6.60 3.19
CA ASP A 823 -3.78 -6.70 2.64
C ASP A 823 -2.99 -5.46 3.05
N THR A 824 -1.96 -5.10 2.29
CA THR A 824 -1.12 -3.98 2.66
C THR A 824 -1.88 -2.66 2.65
N SER A 825 -3.02 -2.59 1.96
CA SER A 825 -3.80 -1.35 1.92
C SER A 825 -4.55 -1.11 3.23
N LEU A 826 -4.78 -2.15 4.03
CA LEU A 826 -5.47 -2.12 5.32
C LEU A 826 -6.98 -1.93 5.18
N HIS A 827 -7.51 -1.74 3.95
CA HIS A 827 -8.94 -1.59 3.74
C HIS A 827 -9.46 -2.43 2.58
N GLY A 828 -8.59 -3.13 1.84
CA GLY A 828 -9.02 -3.96 0.74
C GLY A 828 -8.38 -5.33 0.81
N SER A 829 -8.90 -6.23 -0.03
CA SER A 829 -8.49 -7.62 -0.06
C SER A 829 -7.78 -7.92 -1.37
N SER A 830 -6.82 -8.84 -1.31
CA SER A 830 -6.10 -9.29 -2.50
C SER A 830 -5.63 -10.71 -2.29
N GLY A 831 -5.22 -11.34 -3.40
CA GLY A 831 -4.86 -12.74 -3.40
C GLY A 831 -3.40 -13.07 -3.41
N GLY A 832 -2.51 -12.07 -3.49
CA GLY A 832 -1.09 -12.36 -3.55
C GLY A 832 -0.61 -13.15 -2.35
N TRP A 833 0.43 -13.96 -2.58
CA TRP A 833 0.90 -14.86 -1.53
C TRP A 833 1.56 -14.09 -0.40
N SER A 834 2.57 -13.28 -0.71
CA SER A 834 3.37 -12.65 0.34
C SER A 834 2.71 -11.41 0.94
N ILE A 835 1.74 -10.80 0.25
CA ILE A 835 1.11 -9.59 0.74
C ILE A 835 -0.41 -9.71 0.75
N GLY A 836 -0.92 -10.92 0.58
CA GLY A 836 -2.35 -11.12 0.46
C GLY A 836 -2.91 -12.38 1.10
N THR A 837 -4.09 -12.80 0.64
CA THR A 837 -4.85 -13.82 1.34
C THR A 837 -4.26 -15.22 1.16
N SER A 838 -3.60 -15.50 0.04
CA SER A 838 -3.14 -16.86 -0.19
C SER A 838 -2.04 -17.26 0.80
N GLY A 839 -1.16 -16.33 1.17
CA GLY A 839 -0.15 -16.64 2.18
C GLY A 839 -0.77 -16.90 3.54
N VAL A 840 -1.79 -16.12 3.91
CA VAL A 840 -2.54 -16.39 5.13
C VAL A 840 -3.12 -17.79 5.09
N VAL A 841 -3.70 -18.16 3.95
CA VAL A 841 -4.26 -19.50 3.81
C VAL A 841 -3.16 -20.54 3.96
N SER A 842 -1.95 -20.23 3.47
CA SER A 842 -0.84 -21.16 3.64
C SER A 842 -0.59 -21.43 5.11
N PHE A 843 -0.47 -20.35 5.91
CA PHE A 843 -0.21 -20.55 7.33
C PHE A 843 -1.34 -21.35 7.98
N LEU A 844 -2.59 -20.98 7.70
CA LEU A 844 -3.72 -21.65 8.34
C LEU A 844 -3.75 -23.13 7.95
N ARG A 845 -3.59 -23.41 6.66
CA ARG A 845 -3.53 -24.80 6.21
C ARG A 845 -2.44 -25.56 6.95
N ARG A 846 -1.23 -25.00 6.98
CA ARG A 846 -0.10 -25.67 7.62
C ARG A 846 -0.37 -25.88 9.11
N LEU A 847 -1.20 -25.04 9.71
CA LEU A 847 -1.54 -25.21 11.11
C LEU A 847 -2.19 -26.57 11.35
N GLY A 848 -3.02 -27.02 10.42
CA GLY A 848 -3.75 -28.26 10.55
C GLY A 848 -3.12 -29.48 9.91
N ASP A 849 -1.88 -29.36 9.41
CA ASP A 849 -1.18 -30.48 8.79
C ASP A 849 0.29 -30.42 9.18
N PRO A 850 0.63 -30.92 10.37
CA PRO A 850 2.05 -30.97 10.74
C PRO A 850 2.83 -31.83 9.75
N ALA A 851 4.14 -31.60 9.71
CA ALA A 851 5.06 -32.21 8.76
C ALA A 851 4.79 -31.78 7.32
N ALA A 852 3.95 -30.77 7.12
CA ALA A 852 3.75 -30.21 5.79
C ALA A 852 4.83 -29.18 5.51
N PRO A 853 5.61 -29.32 4.44
CA PRO A 853 6.75 -28.42 4.24
C PRO A 853 6.30 -26.98 4.09
N ARG A 854 7.17 -26.06 4.52
CA ARG A 854 6.95 -24.64 4.30
C ARG A 854 7.25 -24.33 2.84
N LEU A 855 6.30 -23.71 2.16
CA LEU A 855 6.49 -23.41 0.75
C LEU A 855 7.66 -22.44 0.57
N TRP A 856 8.46 -22.70 -0.46
CA TRP A 856 9.51 -21.79 -0.90
C TRP A 856 10.73 -21.80 0.02
N LEU A 857 10.60 -22.41 1.19
CA LEU A 857 11.73 -22.56 2.10
C LEU A 857 12.15 -24.01 2.32
N ASP A 858 11.21 -24.94 2.26
CA ASP A 858 11.50 -26.36 2.42
C ASP A 858 11.31 -27.10 1.09
N PRO A 859 12.04 -28.18 0.87
CA PRO A 859 11.90 -28.93 -0.39
C PRO A 859 10.52 -29.57 -0.47
N PRO A 860 10.09 -29.97 -1.67
CA PRO A 860 8.81 -30.68 -1.79
C PRO A 860 8.90 -32.07 -1.19
N ALA A 861 7.73 -32.66 -0.99
CA ALA A 861 7.63 -33.99 -0.38
C ALA A 861 8.48 -35.01 -1.13
#